data_2X5S
#
_entry.id   2X5S
#
_cell.length_a   64.011
_cell.length_b   92.999
_cell.length_c   69.687
_cell.angle_alpha   90.00
_cell.angle_beta   110.25
_cell.angle_gamma   90.00
#
_symmetry.space_group_name_H-M   'P 1 21 1'
#
loop_
_entity.id
_entity.type
_entity.pdbx_description
1 polymer 'MANNOSE-1-PHOSPHATE GUANYLYLTRANSFERASE'
2 water water
#
_entity_poly.entity_id   1
_entity_poly.type   'polypeptide(L)'
_entity_poly.pdbx_seq_one_letter_code
;VMKALILAGGSGERFWPLSTPETPKQFLKLFGNKSLMRWTFERVLEEMDPKDVIVVTHKDYVERTKKELPELPDENIIAE
PMKKNTAPACFIGTKLADDDEPVLVLPADHRIPDTKKFWKTVKKALDALEKYDGLFTFGIVPTRPETGYGYIEIGEELEE
GVHKVAQFREKPDLETAKKFVESGRFLWNSGMFLWKAREFIEEVKVCEPSIYENLKDVDPRNFEELKKAYEKVPSISVDY
AVMEKSKKVRVVKADFEWSDLGNWSSVREIEGYTEESDEVILVDSDRVFVKTHNKPIAVVGLSDVIVIDTPNGILICKEE
YAQKVREVVKKLFRTS
;
_entity_poly.pdbx_strand_id   A,B
#
# COMPACT_ATOMS: atom_id res chain seq x y z
N VAL A 1 32.99 -28.92 -28.24
CA VAL A 1 33.30 -27.80 -29.18
C VAL A 1 32.16 -26.76 -29.19
N MET A 2 31.99 -26.10 -28.05
CA MET A 2 31.09 -24.94 -27.92
C MET A 2 31.05 -24.55 -26.45
N LYS A 3 31.24 -23.28 -26.18
CA LYS A 3 31.23 -22.79 -24.82
C LYS A 3 29.99 -21.98 -24.53
N ALA A 4 29.56 -22.00 -23.27
CA ALA A 4 28.49 -21.16 -22.81
C ALA A 4 29.07 -20.28 -21.74
N LEU A 5 28.86 -18.97 -21.90
CA LEU A 5 29.37 -18.01 -20.95
C LEU A 5 28.20 -17.37 -20.22
N ILE A 6 28.07 -17.67 -18.95
CA ILE A 6 27.00 -17.09 -18.11
C ILE A 6 27.51 -15.88 -17.38
N LEU A 7 26.89 -14.72 -17.61
CA LEU A 7 27.29 -13.49 -16.94
C LEU A 7 26.42 -13.34 -15.70
N ALA A 8 27.04 -13.34 -14.53
CA ALA A 8 26.32 -13.37 -13.28
C ALA A 8 26.67 -12.12 -12.49
N GLY A 9 25.86 -11.09 -12.72
CA GLY A 9 25.98 -9.80 -12.06
C GLY A 9 24.72 -9.00 -12.35
N GLY A 10 24.40 -8.06 -11.46
CA GLY A 10 23.16 -7.30 -11.59
C GLY A 10 22.56 -6.98 -10.24
N SER A 11 22.13 -5.73 -10.08
CA SER A 11 21.50 -5.33 -8.85
C SER A 11 20.14 -5.99 -8.78
N GLY A 12 19.81 -6.55 -7.61
CA GLY A 12 18.47 -7.05 -7.33
C GLY A 12 17.65 -6.01 -6.58
N GLU A 13 18.08 -4.76 -6.69
CA GLU A 13 17.52 -3.63 -5.94
C GLU A 13 16.03 -3.42 -6.15
N ARG A 14 15.56 -3.70 -7.36
CA ARG A 14 14.20 -3.41 -7.73
C ARG A 14 13.22 -4.47 -7.18
N PHE A 15 13.76 -5.50 -6.55
CA PHE A 15 12.95 -6.53 -5.92
C PHE A 15 12.96 -6.43 -4.41
N TRP A 16 13.32 -5.25 -3.90
CA TRP A 16 13.03 -4.92 -2.52
C TRP A 16 11.50 -4.97 -2.36
N PRO A 17 11.00 -5.50 -1.24
CA PRO A 17 11.69 -5.93 -0.04
C PRO A 17 12.19 -7.38 -0.03
N LEU A 18 12.11 -8.08 -1.16
CA LEU A 18 12.60 -9.46 -1.19
C LEU A 18 14.13 -9.47 -1.12
N SER A 19 14.77 -8.67 -1.96
CA SER A 19 16.22 -8.60 -1.97
C SER A 19 16.77 -7.65 -0.90
N THR A 20 17.91 -8.04 -0.32
CA THR A 20 18.74 -7.13 0.49
C THR A 20 19.41 -6.14 -0.50
N PRO A 21 20.13 -5.12 -0.01
CA PRO A 21 20.39 -3.96 -0.88
C PRO A 21 21.46 -4.16 -1.95
N GLU A 22 22.51 -4.92 -1.61
CA GLU A 22 23.57 -5.24 -2.57
C GLU A 22 23.35 -6.65 -3.13
N THR A 23 22.20 -7.24 -2.81
CA THR A 23 21.92 -8.62 -3.20
C THR A 23 21.97 -8.74 -4.73
N PRO A 24 22.73 -9.73 -5.22
CA PRO A 24 22.86 -9.91 -6.64
C PRO A 24 21.59 -10.53 -7.16
N LYS A 25 21.10 -9.99 -8.27
CA LYS A 25 19.81 -10.37 -8.80
C LYS A 25 19.76 -11.85 -9.13
N GLN A 26 20.89 -12.39 -9.58
CA GLN A 26 20.95 -13.77 -10.06
C GLN A 26 20.63 -14.82 -8.98
N PHE A 27 20.73 -14.44 -7.70
CA PHE A 27 20.40 -15.36 -6.61
C PHE A 27 18.96 -15.24 -6.10
N LEU A 28 18.14 -14.37 -6.68
CA LEU A 28 16.76 -14.27 -6.21
C LEU A 28 16.02 -15.50 -6.62
N LYS A 29 15.16 -15.99 -5.74
CA LYS A 29 14.34 -17.17 -6.01
C LYS A 29 12.90 -16.74 -6.32
N LEU A 30 12.72 -16.09 -7.46
CA LEU A 30 11.42 -15.60 -7.87
C LEU A 30 10.47 -16.74 -8.23
N PHE A 31 11.00 -17.86 -8.71
CA PHE A 31 10.14 -18.93 -9.22
C PHE A 31 10.61 -20.28 -8.75
N GLY A 32 9.64 -21.08 -8.29
CA GLY A 32 9.87 -22.48 -7.97
C GLY A 32 11.01 -22.81 -7.01
N ASN A 33 11.24 -21.94 -6.03
CA ASN A 33 12.32 -22.15 -5.05
C ASN A 33 13.68 -22.43 -5.68
N LYS A 34 13.93 -21.84 -6.85
CA LYS A 34 15.24 -21.91 -7.47
C LYS A 34 15.64 -20.53 -7.97
N SER A 35 16.93 -20.22 -7.82
CA SER A 35 17.43 -18.92 -8.22
C SER A 35 17.39 -18.78 -9.72
N LEU A 36 17.38 -17.54 -10.19
CA LEU A 36 17.41 -17.26 -11.60
C LEU A 36 18.64 -17.91 -12.24
N MET A 37 19.78 -17.84 -11.58
CA MET A 37 21.00 -18.42 -12.13
C MET A 37 20.89 -19.93 -12.22
N ARG A 38 20.31 -20.54 -11.18
CA ARG A 38 20.15 -21.99 -11.15
C ARG A 38 19.29 -22.43 -12.35
N TRP A 39 18.15 -21.77 -12.53
CA TRP A 39 17.30 -22.04 -13.70
C TRP A 39 18.09 -21.93 -14.98
N THR A 40 18.93 -20.90 -15.06
CA THR A 40 19.73 -20.67 -16.27
C THR A 40 20.80 -21.75 -16.49
N PHE A 41 21.47 -22.18 -15.41
CA PHE A 41 22.41 -23.30 -15.47
C PHE A 41 21.71 -24.58 -15.92
N GLU A 42 20.55 -24.89 -15.37
CA GLU A 42 19.82 -26.10 -15.78
C GLU A 42 19.44 -26.06 -17.24
N ARG A 43 19.07 -24.88 -17.74
CA ARG A 43 18.68 -24.72 -19.14
C ARG A 43 19.85 -25.06 -20.08
N VAL A 44 21.04 -24.62 -19.73
CA VAL A 44 22.24 -24.93 -20.49
C VAL A 44 22.64 -26.43 -20.36
N LEU A 45 22.48 -27.04 -19.18
CA LEU A 45 22.78 -28.47 -19.01
C LEU A 45 21.91 -29.44 -19.81
N GLU A 46 20.76 -28.97 -20.27
CA GLU A 46 19.92 -29.72 -21.19
C GLU A 46 20.74 -30.27 -22.33
N GLU A 47 21.59 -29.42 -22.90
CA GLU A 47 22.39 -29.79 -24.05
C GLU A 47 23.88 -29.81 -23.77
N MET A 48 24.32 -29.39 -22.59
CA MET A 48 25.75 -29.19 -22.38
C MET A 48 26.37 -29.85 -21.16
N ASP A 49 27.66 -30.10 -21.31
CA ASP A 49 28.52 -30.58 -20.27
C ASP A 49 28.92 -29.35 -19.45
N PRO A 50 28.90 -29.47 -18.12
CA PRO A 50 29.38 -28.41 -17.22
C PRO A 50 30.80 -27.90 -17.51
N LYS A 51 31.68 -28.76 -18.01
CA LYS A 51 33.05 -28.37 -18.35
C LYS A 51 33.12 -27.25 -19.39
N ASP A 52 32.09 -27.15 -20.23
CA ASP A 52 32.03 -26.14 -21.29
C ASP A 52 31.20 -24.90 -20.90
N VAL A 53 30.82 -24.82 -19.63
CA VAL A 53 30.11 -23.69 -19.09
C VAL A 53 31.06 -22.86 -18.22
N ILE A 54 31.14 -21.57 -18.51
CA ILE A 54 31.93 -20.63 -17.73
C ILE A 54 30.98 -19.64 -17.06
N VAL A 55 31.15 -19.43 -15.75
CA VAL A 55 30.41 -18.39 -15.04
C VAL A 55 31.36 -17.23 -14.74
N VAL A 56 31.05 -16.04 -15.25
CA VAL A 56 31.84 -14.84 -14.96
C VAL A 56 31.05 -13.98 -14.00
N THR A 57 31.62 -13.78 -12.80
CA THR A 57 30.94 -13.13 -11.68
C THR A 57 31.93 -12.44 -10.75
N HIS A 58 31.46 -11.55 -9.90
CA HIS A 58 32.34 -10.87 -8.92
C HIS A 58 32.86 -11.86 -7.88
N LYS A 59 34.08 -11.64 -7.38
CA LYS A 59 34.75 -12.52 -6.41
C LYS A 59 33.90 -12.83 -5.18
N ASP A 60 33.16 -11.84 -4.70
CA ASP A 60 32.33 -12.00 -3.52
C ASP A 60 31.33 -13.17 -3.64
N TYR A 61 30.88 -13.44 -4.86
CA TYR A 61 29.84 -14.45 -5.12
C TYR A 61 30.36 -15.81 -5.59
N VAL A 62 31.68 -15.96 -5.71
CA VAL A 62 32.26 -17.23 -6.14
C VAL A 62 31.77 -18.38 -5.27
N GLU A 63 31.91 -18.26 -3.96
CA GLU A 63 31.55 -19.34 -3.07
C GLU A 63 30.06 -19.63 -3.14
N ARG A 64 29.25 -18.59 -3.16
CA ARG A 64 27.82 -18.79 -3.25
C ARG A 64 27.41 -19.36 -4.62
N THR A 65 28.14 -18.98 -5.67
CA THR A 65 27.93 -19.54 -6.99
C THR A 65 28.24 -21.04 -6.98
N LYS A 66 29.36 -21.42 -6.37
CA LYS A 66 29.70 -22.83 -6.22
C LYS A 66 28.52 -23.57 -5.60
N LYS A 67 27.94 -23.02 -4.54
CA LYS A 67 26.86 -23.69 -3.85
C LYS A 67 25.57 -23.78 -4.68
N GLU A 68 25.23 -22.77 -5.47
CA GLU A 68 24.09 -22.91 -6.40
C GLU A 68 24.37 -23.95 -7.49
N LEU A 69 25.63 -24.03 -7.93
CA LEU A 69 26.01 -24.75 -9.13
C LEU A 69 27.12 -25.75 -8.85
N PRO A 70 26.83 -26.79 -8.04
CA PRO A 70 27.88 -27.73 -7.64
C PRO A 70 28.39 -28.61 -8.78
N GLU A 71 27.61 -28.76 -9.84
CA GLU A 71 28.05 -29.52 -11.03
C GLU A 71 29.18 -28.79 -11.77
N LEU A 72 29.26 -27.47 -11.59
CA LEU A 72 30.24 -26.64 -12.29
C LEU A 72 31.62 -26.79 -11.69
N PRO A 73 32.64 -27.11 -12.51
CA PRO A 73 34.01 -27.22 -11.99
C PRO A 73 34.55 -25.91 -11.41
N ASP A 74 35.17 -25.99 -10.23
CA ASP A 74 35.69 -24.80 -9.53
C ASP A 74 36.45 -23.83 -10.44
N GLU A 75 37.24 -24.35 -11.38
CA GLU A 75 37.98 -23.50 -12.31
C GLU A 75 37.11 -22.82 -13.37
N ASN A 76 35.88 -23.27 -13.54
CA ASN A 76 34.96 -22.65 -14.51
C ASN A 76 34.21 -21.40 -13.98
N ILE A 77 34.42 -21.04 -12.73
CA ILE A 77 33.95 -19.77 -12.18
C ILE A 77 35.11 -18.78 -12.27
N ILE A 78 34.93 -17.71 -13.03
CA ILE A 78 35.99 -16.72 -13.21
C ILE A 78 35.70 -15.52 -12.31
N ALA A 79 36.56 -15.29 -11.33
CA ALA A 79 36.35 -14.28 -10.30
C ALA A 79 36.84 -12.92 -10.75
N GLU A 80 35.92 -12.00 -11.00
CA GLU A 80 36.29 -10.64 -11.38
C GLU A 80 36.66 -9.79 -10.16
N PRO A 81 37.70 -8.96 -10.29
CA PRO A 81 38.15 -8.06 -9.22
C PRO A 81 37.25 -6.85 -8.99
N MET A 82 36.50 -6.43 -10.01
CA MET A 82 35.57 -5.31 -9.92
C MET A 82 34.40 -5.48 -10.86
N LYS A 83 33.29 -4.82 -10.56
CA LYS A 83 32.16 -4.78 -11.48
C LYS A 83 32.47 -3.77 -12.57
N LYS A 84 32.50 -4.24 -13.82
CA LYS A 84 32.81 -3.38 -14.97
C LYS A 84 31.86 -3.62 -16.14
N ASN A 85 30.63 -4.03 -15.82
CA ASN A 85 29.63 -4.34 -16.82
C ASN A 85 30.06 -5.50 -17.78
N THR A 86 29.31 -5.69 -18.86
CA THR A 86 29.35 -6.95 -19.61
C THR A 86 30.44 -7.08 -20.66
N ALA A 87 30.92 -5.98 -21.22
CA ALA A 87 31.93 -6.04 -22.29
C ALA A 87 33.25 -6.68 -21.84
N PRO A 88 33.79 -6.28 -20.67
CA PRO A 88 35.03 -6.90 -20.20
C PRO A 88 34.86 -8.36 -19.77
N ALA A 89 33.72 -8.66 -19.15
CA ALA A 89 33.38 -10.03 -18.75
C ALA A 89 33.21 -10.93 -19.98
N CYS A 90 32.53 -10.43 -21.00
CA CYS A 90 32.43 -11.15 -22.28
C CYS A 90 33.83 -11.43 -22.81
N PHE A 91 34.70 -10.44 -22.73
CA PHE A 91 36.03 -10.58 -23.29
C PHE A 91 36.79 -11.72 -22.63
N ILE A 92 36.98 -11.63 -21.31
CA ILE A 92 37.84 -12.59 -20.60
C ILE A 92 37.24 -14.00 -20.58
N GLY A 93 35.90 -14.08 -20.61
CA GLY A 93 35.23 -15.36 -20.75
C GLY A 93 35.45 -15.96 -22.13
N THR A 94 35.31 -15.12 -23.15
CA THR A 94 35.47 -15.54 -24.55
C THR A 94 36.93 -15.93 -24.90
N LYS A 95 37.90 -15.32 -24.23
CA LYS A 95 39.31 -15.71 -24.36
C LYS A 95 39.61 -17.19 -24.05
N LEU A 96 38.80 -17.78 -23.16
CA LEU A 96 39.02 -19.15 -22.71
C LEU A 96 38.71 -20.20 -23.77
N ALA A 97 37.81 -19.86 -24.69
CA ALA A 97 37.50 -20.75 -25.81
C ALA A 97 38.63 -20.76 -26.85
N ASP A 98 38.60 -21.74 -27.75
CA ASP A 98 39.52 -21.73 -28.90
C ASP A 98 39.03 -20.71 -29.93
N ASP A 99 39.94 -20.25 -30.77
CA ASP A 99 39.68 -19.16 -31.71
C ASP A 99 38.39 -19.34 -32.51
N ASP A 100 38.14 -20.56 -32.96
CA ASP A 100 36.98 -20.83 -33.81
C ASP A 100 35.79 -21.45 -33.07
N GLU A 101 35.89 -21.60 -31.74
CA GLU A 101 34.76 -22.11 -30.96
C GLU A 101 33.62 -21.13 -30.93
N PRO A 102 32.39 -21.60 -31.12
CA PRO A 102 31.26 -20.70 -30.84
C PRO A 102 31.10 -20.49 -29.34
N VAL A 103 30.77 -19.27 -28.95
CA VAL A 103 30.56 -18.92 -27.55
C VAL A 103 29.16 -18.32 -27.40
N LEU A 104 28.29 -19.02 -26.67
CA LEU A 104 26.94 -18.54 -26.41
C LEU A 104 27.00 -17.74 -25.13
N VAL A 105 26.65 -16.45 -25.20
CA VAL A 105 26.69 -15.57 -24.04
C VAL A 105 25.26 -15.38 -23.52
N LEU A 106 25.06 -15.70 -22.24
CA LEU A 106 23.74 -15.65 -21.63
C LEU A 106 23.71 -14.89 -20.31
N PRO A 107 22.76 -13.95 -20.18
CA PRO A 107 22.45 -13.36 -18.89
C PRO A 107 21.95 -14.40 -17.89
N ALA A 108 22.25 -14.20 -16.61
CA ALA A 108 21.86 -15.16 -15.60
C ALA A 108 20.49 -14.85 -14.99
N ASP A 109 19.90 -13.71 -15.30
CA ASP A 109 18.69 -13.31 -14.61
C ASP A 109 17.55 -12.99 -15.55
N HIS A 110 17.33 -13.92 -16.49
CA HIS A 110 16.22 -13.87 -17.41
C HIS A 110 15.39 -15.13 -17.16
N ARG A 111 14.25 -15.28 -17.84
CA ARG A 111 13.40 -16.43 -17.62
C ARG A 111 12.91 -16.94 -18.96
N ILE A 112 13.36 -18.14 -19.31
CA ILE A 112 12.96 -18.75 -20.56
C ILE A 112 12.40 -20.12 -20.24
N PRO A 113 11.07 -20.20 -20.03
CA PRO A 113 10.52 -21.46 -19.56
C PRO A 113 10.72 -22.62 -20.55
N ASP A 114 10.65 -22.37 -21.87
CA ASP A 114 10.76 -23.45 -22.85
C ASP A 114 12.18 -23.70 -23.32
N THR A 115 12.84 -24.57 -22.56
CA THR A 115 14.20 -25.00 -22.82
C THR A 115 14.42 -25.61 -24.22
N LYS A 116 13.51 -26.46 -24.64
CA LYS A 116 13.61 -27.11 -25.93
C LYS A 116 13.59 -26.11 -27.07
N LYS A 117 12.71 -25.12 -26.99
CA LYS A 117 12.65 -24.07 -28.00
C LYS A 117 13.83 -23.12 -27.89
N PHE A 118 14.37 -22.97 -26.69
CA PHE A 118 15.58 -22.20 -26.53
C PHE A 118 16.71 -22.87 -27.37
N TRP A 119 16.85 -24.18 -27.26
CA TRP A 119 17.91 -24.87 -27.98
C TRP A 119 17.63 -25.04 -29.48
N LYS A 120 16.35 -25.14 -29.85
CA LYS A 120 15.95 -25.04 -31.24
C LYS A 120 16.53 -23.76 -31.86
N THR A 121 16.30 -22.63 -31.19
CA THR A 121 16.77 -21.34 -31.65
C THR A 121 18.31 -21.29 -31.72
N VAL A 122 18.98 -21.79 -30.69
CA VAL A 122 20.43 -21.74 -30.63
C VAL A 122 21.07 -22.52 -31.77
N LYS A 123 20.50 -23.69 -32.05
CA LYS A 123 21.01 -24.57 -33.09
C LYS A 123 20.85 -23.94 -34.46
N LYS A 124 19.75 -23.23 -34.66
CA LYS A 124 19.58 -22.42 -35.87
C LYS A 124 20.66 -21.35 -35.90
N ALA A 125 20.94 -20.74 -34.76
CA ALA A 125 21.94 -19.68 -34.66
C ALA A 125 23.37 -20.20 -34.90
N LEU A 126 23.63 -21.45 -34.54
CA LEU A 126 24.94 -22.07 -34.76
C LEU A 126 25.17 -22.37 -36.23
N ASP A 127 24.13 -22.89 -36.87
CA ASP A 127 24.17 -23.15 -38.29
C ASP A 127 24.41 -21.85 -39.06
N ALA A 128 23.72 -20.79 -38.68
CA ALA A 128 23.88 -19.47 -39.30
C ALA A 128 25.32 -18.96 -39.12
N LEU A 129 25.78 -18.96 -37.86
CA LEU A 129 27.15 -18.59 -37.50
C LEU A 129 28.22 -19.22 -38.41
N GLU A 130 28.01 -20.48 -38.76
CA GLU A 130 28.97 -21.23 -39.56
C GLU A 130 28.96 -20.72 -41.01
N LYS A 131 27.78 -20.40 -41.52
CA LYS A 131 27.65 -19.83 -42.87
C LYS A 131 28.18 -18.40 -42.95
N TYR A 132 27.70 -17.53 -42.06
CA TYR A 132 27.82 -16.08 -42.24
C TYR A 132 28.81 -15.34 -41.34
N ASP A 133 29.22 -15.96 -40.24
CA ASP A 133 30.08 -15.29 -39.26
C ASP A 133 29.38 -14.07 -38.66
N GLY A 134 30.15 -13.17 -38.06
CA GLY A 134 29.61 -11.95 -37.45
C GLY A 134 29.19 -12.23 -36.03
N LEU A 135 28.71 -11.19 -35.36
CA LEU A 135 28.16 -11.30 -34.03
C LEU A 135 26.65 -11.50 -34.16
N PHE A 136 26.13 -12.55 -33.55
CA PHE A 136 24.71 -12.88 -33.61
C PHE A 136 23.96 -12.44 -32.34
N THR A 137 22.80 -11.82 -32.53
CA THR A 137 21.88 -11.47 -31.46
C THR A 137 20.62 -12.30 -31.64
N PHE A 138 19.82 -12.37 -30.60
CA PHE A 138 18.55 -13.08 -30.62
C PHE A 138 17.41 -12.10 -30.39
N GLY A 139 16.59 -11.89 -31.41
CA GLY A 139 15.48 -10.96 -31.34
C GLY A 139 14.19 -11.60 -30.88
N ILE A 140 13.50 -10.94 -29.96
CA ILE A 140 12.21 -11.43 -29.50
C ILE A 140 11.13 -10.60 -30.17
N VAL A 141 10.14 -11.27 -30.78
CA VAL A 141 9.02 -10.59 -31.40
C VAL A 141 8.26 -9.89 -30.29
N PRO A 142 8.03 -8.57 -30.43
CA PRO A 142 7.31 -7.89 -29.35
C PRO A 142 5.85 -8.35 -29.20
N THR A 143 5.60 -9.19 -28.18
CA THR A 143 4.24 -9.58 -27.76
C THR A 143 3.54 -8.43 -27.04
N ARG A 144 4.32 -7.43 -26.62
CA ARG A 144 3.80 -6.21 -26.01
C ARG A 144 4.67 -5.04 -26.49
N PRO A 145 4.17 -3.81 -26.33
CA PRO A 145 5.05 -2.64 -26.35
C PRO A 145 5.61 -2.33 -24.96
N GLU A 146 6.92 -2.14 -24.85
CA GLU A 146 7.52 -1.72 -23.58
C GLU A 146 8.84 -1.01 -23.81
N THR A 147 8.97 0.17 -23.21
CA THR A 147 10.13 1.03 -23.40
C THR A 147 11.30 0.60 -22.51
N GLY A 148 12.51 0.97 -22.94
CA GLY A 148 13.72 0.68 -22.18
C GLY A 148 14.16 -0.77 -22.21
N TYR A 149 13.80 -1.50 -23.27
CA TYR A 149 14.52 -2.72 -23.66
C TYR A 149 15.53 -2.31 -24.73
N GLY A 150 16.43 -3.21 -25.09
CA GLY A 150 17.24 -3.02 -26.30
C GLY A 150 16.32 -3.16 -27.50
N TYR A 151 16.76 -2.68 -28.66
CA TYR A 151 15.96 -2.77 -29.89
C TYR A 151 16.80 -3.03 -31.14
N ILE A 152 16.41 -4.04 -31.90
CA ILE A 152 17.15 -4.43 -33.08
C ILE A 152 16.30 -4.19 -34.33
N GLU A 153 16.75 -3.28 -35.19
CA GLU A 153 16.11 -3.05 -36.48
C GLU A 153 16.46 -4.19 -37.42
N ILE A 154 15.44 -4.87 -37.93
CA ILE A 154 15.63 -5.96 -38.87
C ILE A 154 16.13 -5.40 -40.19
N GLY A 155 17.31 -5.85 -40.60
CA GLY A 155 17.93 -5.43 -41.86
C GLY A 155 17.76 -6.51 -42.91
N GLU A 156 18.72 -6.62 -43.82
CA GLU A 156 18.60 -7.56 -44.93
C GLU A 156 18.45 -8.99 -44.46
N GLU A 157 17.51 -9.71 -45.06
CA GLU A 157 17.30 -11.13 -44.79
C GLU A 157 18.44 -11.93 -45.41
N LEU A 158 19.26 -12.57 -44.58
CA LEU A 158 20.28 -13.49 -45.06
C LEU A 158 19.63 -14.80 -45.44
N GLU A 159 18.80 -15.31 -44.53
CA GLU A 159 17.92 -16.45 -44.82
C GLU A 159 16.79 -16.43 -43.80
N GLU A 160 15.74 -17.20 -44.06
CA GLU A 160 14.53 -17.20 -43.24
C GLU A 160 14.83 -17.19 -41.74
N GLY A 161 14.41 -16.14 -41.05
CA GLY A 161 14.64 -16.00 -39.61
C GLY A 161 16.05 -15.58 -39.21
N VAL A 162 16.86 -15.21 -40.20
CA VAL A 162 18.23 -14.78 -39.97
C VAL A 162 18.48 -13.53 -40.78
N HIS A 163 18.69 -12.40 -40.11
CA HIS A 163 18.81 -11.10 -40.77
C HIS A 163 20.05 -10.34 -40.33
N LYS A 164 20.47 -9.39 -41.17
CA LYS A 164 21.45 -8.39 -40.78
C LYS A 164 20.74 -7.35 -39.95
N VAL A 165 21.52 -6.61 -39.16
CA VAL A 165 20.96 -5.63 -38.24
C VAL A 165 21.21 -4.25 -38.81
N ALA A 166 20.16 -3.61 -39.29
CA ALA A 166 20.27 -2.26 -39.84
C ALA A 166 20.77 -1.31 -38.75
N GLN A 167 20.30 -1.50 -37.53
CA GLN A 167 20.66 -0.64 -36.41
C GLN A 167 20.46 -1.35 -35.07
N PHE A 168 21.29 -0.97 -34.10
CA PHE A 168 21.12 -1.41 -32.72
C PHE A 168 20.59 -0.19 -31.97
N ARG A 169 19.50 -0.38 -31.23
CA ARG A 169 18.83 0.72 -30.52
C ARG A 169 18.73 0.37 -29.04
N GLU A 170 19.29 1.22 -28.18
CA GLU A 170 19.40 0.93 -26.75
C GLU A 170 18.31 1.60 -25.88
N LYS A 171 17.44 2.42 -26.48
CA LYS A 171 16.38 3.09 -25.72
C LYS A 171 15.29 3.70 -26.61
N PRO A 172 14.12 3.97 -26.03
CA PRO A 172 12.95 4.50 -26.76
C PRO A 172 12.00 5.35 -25.91
N ASP A 173 11.17 6.15 -26.57
CA ASP A 173 10.08 6.89 -25.95
C ASP A 173 8.83 5.99 -25.87
N LEU A 174 7.89 6.33 -24.97
CA LEU A 174 6.60 5.63 -24.83
C LEU A 174 5.73 5.75 -26.09
N GLU A 175 5.22 4.61 -26.57
CA GLU A 175 4.40 4.53 -27.79
C GLU A 175 5.15 4.80 -29.12
N THR A 176 6.46 5.02 -29.04
CA THR A 176 7.32 4.85 -30.21
C THR A 176 7.49 3.35 -30.38
N ALA A 177 7.36 2.63 -29.25
CA ALA A 177 7.26 1.16 -29.23
C ALA A 177 5.99 0.65 -29.92
N LYS A 178 4.96 1.47 -29.97
CA LYS A 178 3.72 1.17 -30.70
C LYS A 178 3.93 1.11 -32.21
N LYS A 179 4.73 2.03 -32.74
CA LYS A 179 5.12 2.01 -34.16
C LYS A 179 6.42 1.22 -34.39
N PHE A 180 6.86 0.47 -33.37
CA PHE A 180 7.84 -0.59 -33.54
C PHE A 180 7.14 -1.94 -33.48
N VAL A 181 6.16 -2.06 -32.60
CA VAL A 181 5.42 -3.31 -32.43
C VAL A 181 4.45 -3.55 -33.59
N GLU A 182 3.88 -2.47 -34.13
CA GLU A 182 2.94 -2.53 -35.25
C GLU A 182 3.62 -2.27 -36.59
N SER A 183 4.90 -1.85 -36.56
CA SER A 183 5.69 -1.64 -37.78
C SER A 183 6.27 -2.96 -38.25
N GLY A 184 6.69 -3.77 -37.29
CA GLY A 184 7.14 -5.13 -37.58
C GLY A 184 8.56 -5.23 -38.06
N ARG A 185 9.32 -4.13 -38.00
CA ARG A 185 10.74 -4.13 -38.37
C ARG A 185 11.68 -4.09 -37.15
N PHE A 186 11.17 -4.38 -35.96
CA PHE A 186 11.96 -4.23 -34.72
C PHE A 186 11.76 -5.35 -33.72
N LEU A 187 12.86 -5.94 -33.28
CA LEU A 187 12.81 -6.98 -32.27
C LEU A 187 13.43 -6.47 -30.98
N TRP A 188 12.93 -6.97 -29.87
CA TRP A 188 13.57 -6.76 -28.57
C TRP A 188 14.94 -7.43 -28.58
N ASN A 189 15.96 -6.74 -28.09
CA ASN A 189 17.25 -7.39 -27.83
C ASN A 189 17.14 -8.23 -26.58
N SER A 190 17.28 -9.54 -26.72
CA SER A 190 17.14 -10.45 -25.61
C SER A 190 18.36 -10.50 -24.68
N GLY A 191 19.46 -9.87 -25.09
CA GLY A 191 20.67 -9.84 -24.26
C GLY A 191 21.58 -11.05 -24.41
N MET A 192 21.18 -12.03 -25.21
CA MET A 192 22.00 -13.20 -25.48
C MET A 192 22.79 -12.95 -26.74
N PHE A 193 24.00 -13.45 -26.79
CA PHE A 193 24.86 -13.31 -27.95
C PHE A 193 25.57 -14.62 -28.31
N LEU A 194 25.99 -14.71 -29.57
CA LEU A 194 26.63 -15.89 -30.08
C LEU A 194 27.72 -15.44 -31.02
N TRP A 195 28.92 -15.94 -30.79
CA TRP A 195 30.02 -15.62 -31.66
C TRP A 195 31.16 -16.62 -31.56
N LYS A 196 32.00 -16.63 -32.59
CA LYS A 196 33.27 -17.32 -32.56
C LYS A 196 34.28 -16.50 -31.77
N ALA A 197 34.97 -17.15 -30.83
CA ALA A 197 35.83 -16.45 -29.88
C ALA A 197 36.72 -15.40 -30.55
N ARG A 198 37.33 -15.76 -31.67
CA ARG A 198 38.29 -14.89 -32.34
C ARG A 198 37.64 -13.69 -33.02
N GLU A 199 36.46 -13.86 -33.59
CA GLU A 199 35.80 -12.75 -34.27
C GLU A 199 35.45 -11.65 -33.27
N PHE A 200 34.88 -12.07 -32.14
CA PHE A 200 34.53 -11.14 -31.08
C PHE A 200 35.76 -10.46 -30.52
N ILE A 201 36.83 -11.21 -30.32
CA ILE A 201 38.08 -10.65 -29.86
C ILE A 201 38.54 -9.58 -30.85
N GLU A 202 38.64 -9.93 -32.13
CA GLU A 202 38.98 -8.95 -33.19
C GLU A 202 38.09 -7.72 -33.13
N GLU A 203 36.82 -7.93 -32.85
CA GLU A 203 35.85 -6.86 -32.94
C GLU A 203 35.99 -5.87 -31.77
N VAL A 204 36.44 -6.36 -30.62
CA VAL A 204 36.73 -5.50 -29.47
C VAL A 204 37.98 -4.65 -29.75
N LYS A 205 38.93 -5.20 -30.50
CA LYS A 205 40.10 -4.43 -30.96
C LYS A 205 39.67 -3.25 -31.84
N VAL A 206 38.59 -3.41 -32.59
CA VAL A 206 38.12 -2.38 -33.52
C VAL A 206 37.07 -1.46 -32.91
N CYS A 207 36.10 -2.05 -32.20
CA CYS A 207 35.04 -1.28 -31.56
C CYS A 207 35.50 -0.48 -30.35
N GLU A 208 36.34 -1.09 -29.52
CA GLU A 208 36.93 -0.40 -28.40
C GLU A 208 38.24 -1.05 -27.94
N PRO A 209 39.35 -0.41 -28.27
CA PRO A 209 40.68 -0.90 -27.91
C PRO A 209 40.92 -0.94 -26.42
N SER A 210 40.38 0.05 -25.72
CA SER A 210 40.61 0.18 -24.28
C SER A 210 40.61 -1.20 -23.60
N ILE A 211 39.51 -1.93 -23.75
CA ILE A 211 39.38 -3.28 -23.19
C ILE A 211 40.39 -4.27 -23.78
N TYR A 212 40.49 -4.31 -25.11
CA TYR A 212 41.34 -5.30 -25.78
C TYR A 212 42.80 -5.18 -25.34
N GLU A 213 43.37 -3.99 -25.48
CA GLU A 213 44.80 -3.81 -25.25
C GLU A 213 45.19 -4.13 -23.81
N ASN A 214 44.30 -3.80 -22.87
CA ASN A 214 44.53 -4.03 -21.44
C ASN A 214 44.36 -5.50 -21.00
N LEU A 215 43.50 -6.24 -21.70
CA LEU A 215 43.16 -7.61 -21.30
C LEU A 215 43.70 -8.70 -22.23
N LYS A 216 44.17 -8.33 -23.41
CA LYS A 216 44.57 -9.31 -24.43
C LYS A 216 45.63 -10.31 -23.96
N ASP A 217 46.66 -9.85 -23.27
CA ASP A 217 47.71 -10.76 -22.80
C ASP A 217 47.42 -11.36 -21.43
N VAL A 218 46.43 -10.82 -20.73
CA VAL A 218 46.12 -11.23 -19.36
C VAL A 218 45.42 -12.60 -19.30
N ASP A 219 45.85 -13.42 -18.34
CA ASP A 219 45.19 -14.68 -18.01
C ASP A 219 44.03 -14.37 -17.05
N PRO A 220 42.80 -14.74 -17.43
CA PRO A 220 41.60 -14.49 -16.61
C PRO A 220 41.58 -15.08 -15.19
N ARG A 221 42.34 -16.16 -14.97
CA ARG A 221 42.35 -16.86 -13.69
C ARG A 221 43.44 -16.37 -12.72
N ASN A 222 44.41 -15.60 -13.22
CA ASN A 222 45.34 -14.90 -12.34
C ASN A 222 44.65 -13.66 -11.82
N PHE A 223 44.28 -13.69 -10.55
CA PHE A 223 43.47 -12.62 -9.97
C PHE A 223 44.24 -11.30 -9.95
N GLU A 224 45.44 -11.33 -9.36
CA GLU A 224 46.28 -10.12 -9.28
C GLU A 224 46.47 -9.46 -10.65
N GLU A 225 46.81 -10.26 -11.66
CA GLU A 225 47.03 -9.71 -12.99
C GLU A 225 45.75 -9.09 -13.52
N LEU A 226 44.64 -9.82 -13.38
CA LEU A 226 43.33 -9.34 -13.78
C LEU A 226 42.91 -8.11 -12.97
N LYS A 227 43.31 -8.09 -11.69
CA LYS A 227 43.08 -6.95 -10.79
C LYS A 227 43.83 -5.70 -11.26
N LYS A 228 45.03 -5.88 -11.82
CA LYS A 228 45.81 -4.77 -12.34
C LYS A 228 45.20 -4.26 -13.66
N ALA A 229 44.87 -5.19 -14.55
CA ALA A 229 44.32 -4.84 -15.85
C ALA A 229 42.94 -4.17 -15.77
N TYR A 230 42.14 -4.58 -14.78
CA TYR A 230 40.79 -4.02 -14.59
C TYR A 230 40.77 -2.55 -14.10
N GLU A 231 41.86 -2.11 -13.47
CA GLU A 231 41.95 -0.73 -12.99
C GLU A 231 41.96 0.26 -14.15
N LYS A 232 42.63 -0.14 -15.23
CA LYS A 232 42.70 0.66 -16.46
C LYS A 232 41.44 0.54 -17.32
N VAL A 233 40.67 -0.54 -17.12
CA VAL A 233 39.58 -0.89 -18.03
C VAL A 233 38.23 -0.29 -17.60
N PRO A 234 37.50 0.30 -18.56
CA PRO A 234 36.26 0.99 -18.23
C PRO A 234 35.12 0.05 -17.86
N SER A 235 34.11 0.60 -17.21
CA SER A 235 32.83 -0.07 -17.01
C SER A 235 31.94 0.33 -18.17
N ILE A 236 31.61 -0.65 -19.02
CA ILE A 236 30.81 -0.41 -20.21
C ILE A 236 30.19 -1.73 -20.70
N SER A 237 28.88 -1.74 -20.96
CA SER A 237 28.23 -2.93 -21.51
C SER A 237 28.82 -3.33 -22.85
N VAL A 238 28.65 -4.59 -23.22
CA VAL A 238 29.07 -5.08 -24.52
C VAL A 238 28.14 -4.54 -25.62
N ASP A 239 26.93 -4.16 -25.22
CA ASP A 239 25.97 -3.54 -26.11
C ASP A 239 26.52 -2.20 -26.62
N TYR A 240 26.85 -1.30 -25.70
CA TYR A 240 27.46 -0.01 -26.05
C TYR A 240 28.87 -0.16 -26.59
N ALA A 241 29.59 -1.18 -26.13
CA ALA A 241 31.00 -1.32 -26.47
C ALA A 241 31.23 -1.85 -27.89
N VAL A 242 30.36 -2.76 -28.35
CA VAL A 242 30.62 -3.53 -29.57
C VAL A 242 29.42 -3.57 -30.52
N MET A 243 28.28 -4.05 -30.01
CA MET A 243 27.12 -4.33 -30.84
C MET A 243 26.63 -3.09 -31.58
N GLU A 244 26.55 -1.98 -30.84
CA GLU A 244 26.07 -0.71 -31.38
C GLU A 244 27.00 -0.12 -32.46
N LYS A 245 28.27 -0.51 -32.42
CA LYS A 245 29.31 0.02 -33.32
C LYS A 245 29.69 -0.94 -34.43
N SER A 246 29.49 -2.25 -34.21
CA SER A 246 30.00 -3.26 -35.14
C SER A 246 29.23 -3.34 -36.46
N LYS A 247 29.95 -3.66 -37.52
CA LYS A 247 29.40 -3.74 -38.87
C LYS A 247 29.13 -5.19 -39.30
N LYS A 248 29.10 -6.13 -38.34
CA LYS A 248 28.83 -7.53 -38.63
C LYS A 248 27.81 -8.15 -37.67
N VAL A 249 26.81 -7.39 -37.26
CA VAL A 249 25.80 -7.89 -36.32
C VAL A 249 24.62 -8.52 -37.06
N ARG A 250 24.44 -9.83 -36.86
CA ARG A 250 23.25 -10.53 -37.38
C ARG A 250 22.24 -10.74 -36.26
N VAL A 251 20.98 -10.92 -36.65
CA VAL A 251 19.89 -11.20 -35.71
C VAL A 251 19.11 -12.46 -36.08
N VAL A 252 18.73 -13.21 -35.06
CA VAL A 252 17.91 -14.41 -35.24
C VAL A 252 16.57 -14.20 -34.54
N LYS A 253 15.49 -14.50 -35.24
CA LYS A 253 14.16 -14.41 -34.64
C LYS A 253 14.06 -15.56 -33.63
N ALA A 254 13.73 -15.22 -32.38
CA ALA A 254 13.71 -16.20 -31.27
C ALA A 254 12.39 -16.97 -31.21
N ASP A 255 12.51 -18.30 -31.05
CA ASP A 255 11.37 -19.22 -31.16
C ASP A 255 10.72 -19.64 -29.80
N PHE A 256 11.03 -18.90 -28.73
CA PHE A 256 10.60 -19.22 -27.36
C PHE A 256 10.10 -17.96 -26.71
N GLU A 257 9.32 -18.09 -25.65
CA GLU A 257 8.88 -16.96 -24.84
C GLU A 257 10.03 -16.57 -23.89
N TRP A 258 10.03 -15.32 -23.44
CA TRP A 258 11.20 -14.73 -22.76
C TRP A 258 10.78 -13.54 -21.96
N SER A 259 11.52 -13.27 -20.89
CA SER A 259 11.36 -12.08 -20.08
C SER A 259 12.68 -11.77 -19.37
N ASP A 260 12.95 -10.47 -19.15
CA ASP A 260 14.20 -9.99 -18.54
C ASP A 260 14.13 -9.80 -17.01
N LEU A 261 12.94 -9.97 -16.42
CA LEU A 261 12.78 -9.87 -14.96
C LEU A 261 13.35 -8.55 -14.47
N GLY A 262 12.97 -7.47 -15.14
CA GLY A 262 13.49 -6.16 -14.83
C GLY A 262 13.06 -5.65 -13.48
N ASN A 263 11.81 -5.92 -13.10
CA ASN A 263 11.24 -5.41 -11.85
C ASN A 263 9.96 -6.17 -11.47
N TRP A 264 9.24 -5.71 -10.45
CA TRP A 264 8.10 -6.44 -9.89
C TRP A 264 6.95 -6.58 -10.89
N SER A 265 6.84 -5.61 -11.77
CA SER A 265 5.86 -5.66 -12.85
C SER A 265 6.08 -6.87 -13.74
N SER A 266 7.35 -7.17 -14.01
CA SER A 266 7.69 -8.34 -14.82
C SER A 266 7.15 -9.61 -14.15
N VAL A 267 7.14 -9.64 -12.83
CA VAL A 267 6.65 -10.82 -12.16
C VAL A 267 5.14 -10.91 -12.29
N ARG A 268 4.46 -9.77 -12.18
CA ARG A 268 3.02 -9.70 -12.40
C ARG A 268 2.69 -10.21 -13.79
N GLU A 269 3.42 -9.70 -14.79
CA GLU A 269 3.20 -10.09 -16.19
C GLU A 269 3.20 -11.61 -16.36
N ILE A 270 4.01 -12.30 -15.58
CA ILE A 270 4.13 -13.76 -15.62
C ILE A 270 3.09 -14.47 -14.74
N GLU A 271 2.82 -13.94 -13.56
CA GLU A 271 1.91 -14.61 -12.63
C GLU A 271 0.46 -14.22 -12.75
N GLY A 272 0.21 -12.99 -13.19
CA GLY A 272 -1.13 -12.42 -13.21
C GLY A 272 -1.38 -11.52 -12.03
N TYR A 273 -2.38 -10.66 -12.18
CA TYR A 273 -2.90 -9.86 -11.10
C TYR A 273 -3.43 -10.80 -10.02
N THR A 274 -3.70 -10.28 -8.84
CA THR A 274 -3.99 -11.17 -7.73
C THR A 274 -5.46 -11.35 -7.44
N GLU A 275 -5.76 -12.59 -7.06
CA GLU A 275 -7.09 -13.05 -6.76
C GLU A 275 -7.51 -12.62 -5.36
N GLU A 276 -8.70 -12.04 -5.26
CA GLU A 276 -9.25 -11.75 -3.96
C GLU A 276 -9.35 -13.06 -3.23
N SER A 277 -8.86 -13.10 -1.99
CA SER A 277 -8.76 -14.32 -1.22
C SER A 277 -8.97 -14.07 0.26
N ASP A 278 -8.75 -15.14 1.03
CA ASP A 278 -8.79 -15.07 2.49
C ASP A 278 -7.88 -13.99 3.07
N GLU A 279 -6.70 -13.80 2.49
CA GLU A 279 -5.71 -12.82 2.96
C GLU A 279 -5.53 -11.62 2.02
N VAL A 280 -6.32 -11.54 0.95
CA VAL A 280 -6.24 -10.41 0.05
C VAL A 280 -7.65 -9.91 -0.20
N ILE A 281 -7.98 -8.75 0.38
CA ILE A 281 -9.33 -8.18 0.26
C ILE A 281 -9.29 -6.97 -0.64
N LEU A 282 -10.14 -6.95 -1.65
CA LEU A 282 -10.12 -5.87 -2.62
C LEU A 282 -11.46 -5.16 -2.68
N VAL A 283 -11.49 -3.91 -2.24
CA VAL A 283 -12.66 -3.07 -2.38
C VAL A 283 -12.33 -1.98 -3.38
N ASP A 284 -13.11 -1.90 -4.44
CA ASP A 284 -12.98 -0.89 -5.48
C ASP A 284 -11.55 -0.79 -5.97
N SER A 285 -10.98 -1.96 -6.23
CA SER A 285 -9.58 -2.05 -6.57
C SER A 285 -9.39 -3.16 -7.56
N ASP A 286 -8.90 -2.80 -8.75
CA ASP A 286 -8.68 -3.73 -9.85
C ASP A 286 -7.21 -3.75 -10.21
N ARG A 287 -6.77 -4.86 -10.82
CA ARG A 287 -5.42 -4.98 -11.39
C ARG A 287 -4.34 -4.68 -10.37
N VAL A 288 -4.41 -5.40 -9.26
CA VAL A 288 -3.47 -5.24 -8.17
C VAL A 288 -2.65 -6.51 -8.11
N PHE A 289 -1.38 -6.38 -7.72
CA PHE A 289 -0.52 -7.51 -7.55
C PHE A 289 -0.07 -7.55 -6.09
N VAL A 290 -0.47 -8.59 -5.35
CA VAL A 290 -0.25 -8.62 -3.90
C VAL A 290 0.40 -9.93 -3.42
N LYS A 291 1.61 -9.82 -2.86
CA LYS A 291 2.28 -10.92 -2.18
C LYS A 291 2.19 -10.73 -0.68
N THR A 292 1.27 -11.44 -0.03
CA THR A 292 1.13 -11.36 1.41
C THR A 292 2.27 -12.11 2.08
N HIS A 293 2.36 -11.98 3.41
CA HIS A 293 3.34 -12.72 4.18
C HIS A 293 2.67 -13.43 5.35
N ASN A 294 2.43 -12.75 6.47
CA ASN A 294 1.86 -13.41 7.66
C ASN A 294 0.45 -12.92 8.03
N LYS A 295 -0.05 -11.92 7.31
CA LYS A 295 -1.31 -11.28 7.69
C LYS A 295 -2.10 -10.82 6.47
N PRO A 296 -3.42 -10.60 6.65
CA PRO A 296 -4.28 -10.11 5.56
C PRO A 296 -3.87 -8.71 5.06
N ILE A 297 -4.14 -8.47 3.79
CA ILE A 297 -3.84 -7.18 3.18
C ILE A 297 -5.10 -6.72 2.46
N ALA A 298 -5.63 -5.57 2.83
CA ALA A 298 -6.78 -4.97 2.15
C ALA A 298 -6.31 -3.79 1.32
N VAL A 299 -6.75 -3.73 0.07
CA VAL A 299 -6.44 -2.62 -0.84
C VAL A 299 -7.77 -2.02 -1.28
N VAL A 300 -8.01 -0.78 -0.89
CA VAL A 300 -9.31 -0.13 -1.07
C VAL A 300 -9.17 1.10 -1.94
N GLY A 301 -9.91 1.16 -3.05
CA GLY A 301 -9.94 2.34 -3.92
C GLY A 301 -8.71 2.61 -4.77
N LEU A 302 -7.96 1.55 -5.07
CA LEU A 302 -6.69 1.69 -5.76
C LEU A 302 -6.50 0.59 -6.76
N SER A 303 -6.10 0.98 -7.96
CA SER A 303 -5.87 0.05 -9.03
C SER A 303 -4.49 0.22 -9.60
N ASP A 304 -4.01 -0.85 -10.24
CA ASP A 304 -2.69 -0.89 -10.84
C ASP A 304 -1.60 -0.69 -9.80
N VAL A 305 -1.71 -1.34 -8.64
CA VAL A 305 -0.64 -1.22 -7.62
C VAL A 305 -0.07 -2.56 -7.29
N ILE A 306 1.19 -2.53 -6.89
CA ILE A 306 1.93 -3.70 -6.44
C ILE A 306 2.10 -3.50 -4.95
N VAL A 307 1.78 -4.51 -4.17
CA VAL A 307 1.93 -4.49 -2.72
C VAL A 307 2.69 -5.74 -2.44
N ILE A 308 3.89 -5.64 -1.84
CA ILE A 308 4.68 -6.78 -1.44
C ILE A 308 5.01 -6.69 0.05
N ASP A 309 4.72 -7.74 0.80
CA ASP A 309 4.96 -7.73 2.23
C ASP A 309 5.96 -8.84 2.58
N THR A 310 7.11 -8.46 3.15
CA THR A 310 8.14 -9.42 3.56
C THR A 310 8.78 -8.99 4.89
N PRO A 311 9.49 -9.90 5.56
CA PRO A 311 10.17 -9.50 6.80
C PRO A 311 10.97 -8.21 6.66
N ASN A 312 11.62 -8.03 5.51
CA ASN A 312 12.45 -6.86 5.25
C ASN A 312 11.68 -5.55 5.07
N GLY A 313 10.38 -5.63 4.74
CA GLY A 313 9.55 -4.44 4.49
C GLY A 313 8.27 -4.67 3.71
N ILE A 314 7.53 -3.58 3.52
CA ILE A 314 6.32 -3.55 2.71
C ILE A 314 6.57 -2.51 1.65
N LEU A 315 6.25 -2.86 0.40
CA LEU A 315 6.33 -2.00 -0.75
C LEU A 315 4.91 -1.83 -1.27
N ILE A 316 4.44 -0.57 -1.35
CA ILE A 316 3.22 -0.22 -2.08
C ILE A 316 3.68 0.60 -3.26
N CYS A 317 3.44 0.13 -4.47
CA CYS A 317 4.02 0.76 -5.63
C CYS A 317 3.05 0.81 -6.78
N LYS A 318 2.73 2.00 -7.26
CA LYS A 318 1.98 2.17 -8.50
C LYS A 318 2.73 1.42 -9.64
N GLU A 319 2.02 0.60 -10.40
CA GLU A 319 2.67 -0.35 -11.32
C GLU A 319 3.71 0.29 -12.25
N GLU A 320 3.36 1.43 -12.85
CA GLU A 320 4.23 2.05 -13.84
C GLU A 320 5.52 2.68 -13.25
N TYR A 321 5.61 2.76 -11.93
CA TYR A 321 6.77 3.33 -11.24
C TYR A 321 7.67 2.21 -10.68
N ALA A 322 7.40 0.96 -11.07
CA ALA A 322 8.17 -0.19 -10.58
C ALA A 322 9.74 -0.10 -10.72
N GLN A 323 10.22 0.63 -11.73
CA GLN A 323 11.66 0.94 -11.84
C GLN A 323 12.17 1.76 -10.65
N LYS A 324 11.31 2.63 -10.11
CA LYS A 324 11.71 3.54 -9.04
C LYS A 324 11.97 2.85 -7.69
N VAL A 325 11.69 1.56 -7.58
CA VAL A 325 12.05 0.83 -6.37
C VAL A 325 13.55 0.91 -6.16
N ARG A 326 14.30 1.14 -7.23
CA ARG A 326 15.73 1.42 -7.09
C ARG A 326 15.95 2.59 -6.12
N GLU A 327 15.26 3.70 -6.38
CA GLU A 327 15.28 4.87 -5.47
C GLU A 327 14.97 4.54 -4.01
N VAL A 328 14.08 3.58 -3.74
CA VAL A 328 13.79 3.18 -2.36
C VAL A 328 15.05 2.68 -1.66
N VAL A 329 15.71 1.72 -2.30
CA VAL A 329 16.92 1.10 -1.72
C VAL A 329 17.98 2.15 -1.38
N LYS A 330 18.22 3.07 -2.32
CA LYS A 330 19.12 4.20 -2.06
C LYS A 330 18.71 4.91 -0.76
N LYS A 331 17.42 5.21 -0.60
CA LYS A 331 16.96 5.93 0.59
C LYS A 331 17.03 5.10 1.88
N LEU A 332 16.96 3.78 1.75
CA LEU A 332 16.76 2.90 2.91
C LEU A 332 17.98 2.81 3.84
N PHE A 333 19.18 2.89 3.28
CA PHE A 333 20.42 2.86 4.08
C PHE A 333 21.27 4.12 3.83
N VAL B 1 -27.48 20.34 40.20
CA VAL B 1 -27.81 18.94 39.80
C VAL B 1 -27.70 18.75 38.29
N MET B 2 -26.96 17.73 37.88
CA MET B 2 -26.73 17.47 36.46
C MET B 2 -26.31 16.03 36.25
N LYS B 3 -26.82 15.42 35.19
CA LYS B 3 -26.47 14.05 34.84
C LYS B 3 -25.67 14.07 33.54
N ALA B 4 -24.62 13.24 33.46
CA ALA B 4 -23.91 13.04 32.19
C ALA B 4 -24.19 11.65 31.65
N LEU B 5 -24.56 11.59 30.38
CA LEU B 5 -24.91 10.34 29.72
C LEU B 5 -23.94 10.04 28.59
N ILE B 6 -23.01 9.11 28.80
CA ILE B 6 -22.06 8.73 27.77
C ILE B 6 -22.62 7.58 26.90
N LEU B 7 -22.86 7.84 25.63
CA LEU B 7 -23.29 6.79 24.69
C LEU B 7 -22.09 6.11 24.03
N ALA B 8 -21.95 4.80 24.26
CA ALA B 8 -20.77 4.05 23.83
C ALA B 8 -21.17 2.78 23.07
N GLY B 9 -21.56 2.91 21.81
CA GLY B 9 -22.03 1.75 21.01
C GLY B 9 -21.37 1.57 19.66
N GLY B 10 -20.18 2.14 19.50
CA GLY B 10 -19.60 2.30 18.18
C GLY B 10 -19.09 1.04 17.52
N SER B 11 -18.61 1.22 16.30
CA SER B 11 -17.88 0.18 15.61
C SER B 11 -16.52 0.72 15.19
N GLY B 12 -15.48 0.03 15.65
CA GLY B 12 -14.14 0.26 15.11
C GLY B 12 -14.01 -0.15 13.64
N GLU B 13 -15.11 -0.57 13.01
CA GLU B 13 -15.08 -1.13 11.65
C GLU B 13 -14.22 -0.35 10.66
N ARG B 14 -14.37 0.97 10.66
CA ARG B 14 -13.58 1.82 9.77
C ARG B 14 -12.12 2.00 10.21
N PHE B 15 -11.78 1.43 11.37
CA PHE B 15 -10.43 1.45 11.91
C PHE B 15 -9.72 0.11 11.91
N TRP B 16 -10.18 -0.82 11.06
CA TRP B 16 -9.38 -1.98 10.76
C TRP B 16 -8.10 -1.48 10.05
N PRO B 17 -6.94 -2.11 10.31
CA PRO B 17 -6.66 -3.30 11.10
C PRO B 17 -6.32 -3.06 12.59
N LEU B 18 -6.48 -1.83 13.07
CA LEU B 18 -6.29 -1.52 14.49
C LEU B 18 -7.46 -2.05 15.33
N SER B 19 -8.68 -1.83 14.85
CA SER B 19 -9.86 -2.30 15.57
C SER B 19 -10.21 -3.75 15.25
N THR B 20 -10.66 -4.45 16.28
CA THR B 20 -11.06 -5.85 16.20
C THR B 20 -12.53 -5.92 16.63
N PRO B 21 -13.31 -6.87 16.07
CA PRO B 21 -14.71 -7.06 16.54
C PRO B 21 -14.81 -7.03 18.08
N GLU B 22 -13.82 -7.63 18.73
CA GLU B 22 -13.72 -7.65 20.18
C GLU B 22 -13.33 -6.30 20.80
N THR B 23 -13.01 -5.29 19.97
CA THR B 23 -12.60 -3.95 20.46
C THR B 23 -13.22 -2.84 19.60
N PRO B 24 -14.45 -2.41 19.94
CA PRO B 24 -15.08 -1.32 19.17
C PRO B 24 -14.36 0.02 19.29
N LYS B 25 -14.80 1.00 18.50
CA LYS B 25 -14.16 2.32 18.42
C LYS B 25 -13.84 2.91 19.78
N GLN B 26 -14.78 2.79 20.72
CA GLN B 26 -14.67 3.44 22.03
C GLN B 26 -13.40 3.09 22.81
N PHE B 27 -12.80 1.92 22.54
CA PHE B 27 -11.61 1.47 23.30
C PHE B 27 -10.28 1.72 22.61
N LEU B 28 -10.33 2.24 21.39
CA LEU B 28 -9.12 2.52 20.63
C LEU B 28 -8.32 3.64 21.25
N LYS B 29 -7.02 3.40 21.43
CA LYS B 29 -6.08 4.40 21.92
C LYS B 29 -5.40 5.16 20.78
N LEU B 30 -6.19 5.87 19.97
CA LEU B 30 -5.67 6.65 18.85
C LEU B 30 -4.75 7.80 19.26
N PHE B 31 -4.87 8.31 20.48
CA PHE B 31 -4.13 9.48 20.93
C PHE B 31 -3.68 9.31 22.38
N GLY B 32 -2.38 9.53 22.64
CA GLY B 32 -1.91 9.64 24.01
C GLY B 32 -2.02 8.41 24.89
N ASN B 33 -2.04 7.22 24.28
CA ASN B 33 -2.09 5.96 25.06
C ASN B 33 -3.29 5.90 26.03
N LYS B 34 -4.43 6.46 25.63
CA LYS B 34 -5.70 6.28 26.33
C LYS B 34 -6.84 6.19 25.31
N SER B 35 -7.90 5.46 25.66
CA SER B 35 -9.02 5.28 24.74
C SER B 35 -9.83 6.55 24.57
N LEU B 36 -10.65 6.55 23.52
CA LEU B 36 -11.52 7.67 23.21
C LEU B 36 -12.50 7.87 24.35
N MET B 37 -13.05 6.77 24.87
CA MET B 37 -14.00 6.83 25.95
C MET B 37 -13.33 7.30 27.23
N ARG B 38 -12.12 6.83 27.49
CA ARG B 38 -11.42 7.24 28.70
C ARG B 38 -11.24 8.75 28.72
N TRP B 39 -10.65 9.30 27.65
CA TRP B 39 -10.53 10.77 27.48
C TRP B 39 -11.88 11.45 27.73
N THR B 40 -12.93 10.89 27.16
CA THR B 40 -14.26 11.45 27.31
C THR B 40 -14.70 11.43 28.77
N PHE B 41 -14.48 10.31 29.43
CA PHE B 41 -14.81 10.19 30.85
C PHE B 41 -14.03 11.21 31.69
N GLU B 42 -12.74 11.41 31.37
CA GLU B 42 -11.90 12.39 32.08
C GLU B 42 -12.28 13.83 31.78
N ARG B 43 -12.71 14.07 30.56
CA ARG B 43 -13.27 15.36 30.21
C ARG B 43 -14.43 15.66 31.16
N VAL B 44 -15.36 14.73 31.28
CA VAL B 44 -16.54 14.93 32.13
C VAL B 44 -16.12 15.13 33.59
N LEU B 45 -15.23 14.27 34.08
CA LEU B 45 -14.79 14.34 35.48
C LEU B 45 -14.08 15.64 35.87
N GLU B 46 -13.82 16.53 34.92
CA GLU B 46 -13.24 17.83 35.22
C GLU B 46 -14.20 18.67 36.08
N GLU B 47 -15.50 18.50 35.86
CA GLU B 47 -16.51 19.27 36.59
C GLU B 47 -17.58 18.42 37.28
N MET B 48 -17.47 17.09 37.22
CA MET B 48 -18.51 16.22 37.78
C MET B 48 -17.93 15.07 38.61
N ASP B 49 -18.57 14.78 39.73
CA ASP B 49 -18.31 13.55 40.45
C ASP B 49 -18.93 12.41 39.64
N PRO B 50 -18.26 11.24 39.61
CA PRO B 50 -18.70 10.08 38.80
C PRO B 50 -20.10 9.50 39.13
N LYS B 51 -20.62 9.77 40.33
CA LYS B 51 -22.00 9.41 40.68
C LYS B 51 -23.02 9.83 39.63
N ASP B 52 -22.76 10.94 38.96
CA ASP B 52 -23.70 11.51 38.01
C ASP B 52 -23.37 11.24 36.56
N VAL B 53 -22.44 10.31 36.30
CA VAL B 53 -22.14 9.92 34.94
C VAL B 53 -22.75 8.55 34.68
N ILE B 54 -23.31 8.37 33.48
CA ILE B 54 -23.97 7.14 33.09
C ILE B 54 -23.42 6.69 31.73
N VAL B 55 -22.96 5.43 31.65
CA VAL B 55 -22.58 4.83 30.35
C VAL B 55 -23.65 3.84 29.89
N VAL B 56 -24.08 3.98 28.63
CA VAL B 56 -25.09 3.12 28.02
C VAL B 56 -24.43 2.39 26.85
N THR B 57 -24.25 1.08 27.00
CA THR B 57 -23.46 0.29 26.07
C THR B 57 -23.84 -1.19 26.15
N HIS B 58 -23.42 -1.97 25.16
CA HIS B 58 -23.70 -3.41 25.09
C HIS B 58 -23.08 -4.16 26.29
N LYS B 59 -23.60 -5.35 26.56
CA LYS B 59 -23.14 -6.17 27.70
C LYS B 59 -21.72 -6.70 27.49
N ASP B 60 -21.41 -7.07 26.26
CA ASP B 60 -20.06 -7.51 25.88
C ASP B 60 -19.02 -6.47 26.26
N TYR B 61 -19.42 -5.20 26.19
CA TYR B 61 -18.55 -4.07 26.45
C TYR B 61 -18.51 -3.66 27.93
N VAL B 62 -19.47 -4.14 28.72
CA VAL B 62 -19.64 -3.67 30.10
C VAL B 62 -18.41 -3.92 30.98
N GLU B 63 -17.89 -5.14 30.94
CA GLU B 63 -16.80 -5.54 31.82
C GLU B 63 -15.51 -4.75 31.58
N ARG B 64 -15.12 -4.59 30.31
CA ARG B 64 -13.91 -3.82 30.00
C ARG B 64 -14.13 -2.32 30.25
N THR B 65 -15.38 -1.88 30.21
CA THR B 65 -15.74 -0.53 30.59
C THR B 65 -15.47 -0.26 32.08
N LYS B 66 -15.73 -1.25 32.92
CA LYS B 66 -15.36 -1.18 34.33
C LYS B 66 -13.84 -1.03 34.51
N LYS B 67 -13.06 -1.83 33.79
CA LYS B 67 -11.59 -1.78 33.87
C LYS B 67 -11.04 -0.49 33.27
N GLU B 68 -11.74 0.06 32.26
CA GLU B 68 -11.40 1.39 31.72
C GLU B 68 -11.77 2.53 32.67
N LEU B 69 -12.94 2.44 33.30
CA LEU B 69 -13.45 3.51 34.15
C LEU B 69 -13.64 3.02 35.60
N PRO B 70 -12.52 2.69 36.29
CA PRO B 70 -12.61 2.22 37.67
C PRO B 70 -13.39 3.14 38.60
N GLU B 71 -13.40 4.44 38.30
CA GLU B 71 -14.06 5.42 39.17
C GLU B 71 -15.57 5.27 39.10
N LEU B 72 -16.07 4.74 37.99
CA LEU B 72 -17.51 4.65 37.76
C LEU B 72 -18.13 3.55 38.60
N PRO B 73 -19.18 3.86 39.38
CA PRO B 73 -19.89 2.81 40.11
C PRO B 73 -20.51 1.82 39.14
N ASP B 74 -20.41 0.54 39.47
CA ASP B 74 -20.84 -0.52 38.55
C ASP B 74 -22.33 -0.37 38.18
N GLU B 75 -23.11 0.17 39.11
CA GLU B 75 -24.53 0.42 38.90
C GLU B 75 -24.76 1.39 37.73
N ASN B 76 -23.93 2.43 37.65
CA ASN B 76 -24.08 3.45 36.60
C ASN B 76 -23.79 3.01 35.17
N ILE B 77 -23.20 1.82 35.00
CA ILE B 77 -23.05 1.25 33.66
C ILE B 77 -24.37 0.58 33.35
N ILE B 78 -24.84 0.72 32.11
CA ILE B 78 -26.16 0.22 31.77
C ILE B 78 -26.11 -0.66 30.53
N ALA B 79 -26.31 -1.97 30.76
CA ALA B 79 -26.21 -3.00 29.73
C ALA B 79 -27.41 -2.97 28.80
N GLU B 80 -27.13 -3.04 27.49
CA GLU B 80 -28.16 -3.00 26.45
C GLU B 80 -28.35 -4.38 25.82
N PRO B 81 -29.62 -4.82 25.67
CA PRO B 81 -29.92 -6.15 25.12
C PRO B 81 -29.68 -6.30 23.61
N MET B 82 -29.52 -5.19 22.88
CA MET B 82 -29.19 -5.22 21.45
C MET B 82 -28.93 -3.78 20.96
N LYS B 83 -28.18 -3.65 19.86
CA LYS B 83 -27.91 -2.33 19.27
C LYS B 83 -29.12 -1.77 18.51
N LYS B 84 -29.78 -0.79 19.13
CA LYS B 84 -30.91 -0.08 18.51
C LYS B 84 -30.60 1.41 18.33
N ASN B 85 -29.30 1.74 18.24
CA ASN B 85 -28.85 3.10 17.96
C ASN B 85 -29.06 4.05 19.17
N THR B 86 -28.92 5.36 18.95
CA THR B 86 -28.83 6.33 20.05
C THR B 86 -30.15 6.69 20.73
N ALA B 87 -31.24 6.68 19.98
CA ALA B 87 -32.53 7.15 20.51
C ALA B 87 -32.99 6.35 21.74
N PRO B 88 -33.04 5.02 21.64
CA PRO B 88 -33.38 4.20 22.81
C PRO B 88 -32.37 4.31 23.95
N ALA B 89 -31.07 4.33 23.61
CA ALA B 89 -30.02 4.53 24.60
C ALA B 89 -30.25 5.84 25.35
N CYS B 90 -30.49 6.90 24.58
CA CYS B 90 -30.80 8.21 25.16
C CYS B 90 -31.97 8.09 26.12
N PHE B 91 -33.03 7.39 25.70
CA PHE B 91 -34.24 7.28 26.50
C PHE B 91 -34.01 6.59 27.84
N ILE B 92 -33.37 5.43 27.83
CA ILE B 92 -33.16 4.65 29.06
C ILE B 92 -32.17 5.35 30.00
N GLY B 93 -31.19 6.04 29.43
CA GLY B 93 -30.26 6.85 30.20
C GLY B 93 -30.96 8.04 30.86
N THR B 94 -31.89 8.66 30.14
CA THR B 94 -32.60 9.84 30.62
C THR B 94 -33.55 9.55 31.81
N LYS B 95 -34.11 8.34 31.85
CA LYS B 95 -35.04 7.95 32.92
C LYS B 95 -34.38 7.92 34.30
N LEU B 96 -33.06 7.74 34.32
CA LEU B 96 -32.32 7.75 35.58
C LEU B 96 -32.35 9.13 36.20
N ALA B 97 -32.44 10.14 35.34
CA ALA B 97 -32.52 11.53 35.79
C ALA B 97 -33.85 11.86 36.45
N ASP B 98 -33.83 12.85 37.33
CA ASP B 98 -35.03 13.46 37.86
C ASP B 98 -35.63 14.41 36.81
N ASP B 99 -36.94 14.62 36.88
CA ASP B 99 -37.69 15.38 35.87
C ASP B 99 -37.04 16.70 35.45
N ASP B 100 -36.59 17.49 36.41
CA ASP B 100 -36.04 18.82 36.13
C ASP B 100 -34.52 18.87 36.18
N GLU B 101 -33.91 17.69 36.07
CA GLU B 101 -32.46 17.57 36.07
C GLU B 101 -31.94 17.66 34.63
N PRO B 102 -30.91 18.49 34.40
CA PRO B 102 -30.26 18.49 33.11
C PRO B 102 -29.57 17.17 32.82
N VAL B 103 -29.67 16.72 31.57
CA VAL B 103 -28.97 15.53 31.10
C VAL B 103 -28.08 15.88 29.90
N LEU B 104 -26.77 15.77 30.09
CA LEU B 104 -25.80 16.02 29.01
C LEU B 104 -25.47 14.69 28.35
N VAL B 105 -25.77 14.58 27.05
CA VAL B 105 -25.55 13.34 26.30
C VAL B 105 -24.31 13.43 25.43
N LEU B 106 -23.41 12.47 25.59
CA LEU B 106 -22.10 12.52 24.95
C LEU B 106 -21.71 11.21 24.32
N PRO B 107 -21.42 11.22 23.01
CA PRO B 107 -20.77 10.07 22.40
C PRO B 107 -19.43 9.77 23.07
N ALA B 108 -19.09 8.49 23.19
CA ALA B 108 -17.80 8.07 23.78
C ALA B 108 -16.63 8.14 22.80
N ASP B 109 -16.90 8.46 21.54
CA ASP B 109 -15.95 8.19 20.45
C ASP B 109 -15.59 9.43 19.63
N HIS B 110 -15.64 10.59 20.28
CA HIS B 110 -15.30 11.85 19.66
C HIS B 110 -14.00 12.35 20.26
N ARG B 111 -13.45 13.42 19.71
CA ARG B 111 -12.26 14.02 20.29
C ARG B 111 -12.44 15.52 20.46
N ILE B 112 -12.28 15.96 21.70
CA ILE B 112 -12.40 17.36 22.09
C ILE B 112 -11.20 17.70 22.98
N PRO B 113 -10.13 18.22 22.39
CA PRO B 113 -8.92 18.46 23.16
C PRO B 113 -9.01 19.56 24.25
N ASP B 114 -9.76 20.64 24.01
CA ASP B 114 -9.90 21.69 25.04
C ASP B 114 -11.05 21.42 26.02
N THR B 115 -10.70 20.78 27.12
CA THR B 115 -11.61 20.43 28.19
C THR B 115 -12.25 21.65 28.86
N LYS B 116 -11.55 22.80 28.88
CA LYS B 116 -12.10 24.03 29.46
C LYS B 116 -13.11 24.74 28.54
N LYS B 117 -12.82 24.85 27.25
CA LYS B 117 -13.77 25.48 26.33
C LYS B 117 -15.01 24.61 26.20
N PHE B 118 -14.83 23.28 26.23
CA PHE B 118 -15.95 22.36 26.31
C PHE B 118 -16.88 22.72 27.50
N TRP B 119 -16.32 22.87 28.70
CA TRP B 119 -17.12 23.24 29.89
C TRP B 119 -17.63 24.65 29.84
N LYS B 120 -16.87 25.57 29.27
CA LYS B 120 -17.42 26.91 29.02
C LYS B 120 -18.71 26.84 28.21
N THR B 121 -18.71 25.98 27.20
CA THR B 121 -19.83 25.89 26.29
C THR B 121 -20.96 25.16 26.96
N VAL B 122 -20.67 24.09 27.69
CA VAL B 122 -21.71 23.39 28.41
C VAL B 122 -22.37 24.27 29.46
N LYS B 123 -21.61 25.12 30.13
CA LYS B 123 -22.17 26.01 31.15
C LYS B 123 -23.16 26.98 30.51
N LYS B 124 -22.77 27.46 29.33
CA LYS B 124 -23.60 28.34 28.55
C LYS B 124 -24.88 27.65 28.15
N ALA B 125 -24.79 26.39 27.73
CA ALA B 125 -26.00 25.66 27.34
C ALA B 125 -26.90 25.40 28.56
N LEU B 126 -26.29 25.18 29.73
CA LEU B 126 -27.05 24.96 30.98
C LEU B 126 -27.84 26.18 31.38
N ASP B 127 -27.17 27.32 31.30
CA ASP B 127 -27.83 28.59 31.55
C ASP B 127 -28.98 28.81 30.56
N ALA B 128 -28.77 28.48 29.29
CA ALA B 128 -29.79 28.70 28.24
C ALA B 128 -31.00 27.80 28.46
N LEU B 129 -30.72 26.52 28.66
CA LEU B 129 -31.70 25.51 29.07
C LEU B 129 -32.61 26.04 30.17
N GLU B 130 -32.01 26.59 31.22
CA GLU B 130 -32.82 27.16 32.31
C GLU B 130 -33.64 28.37 31.88
N LYS B 131 -33.15 29.16 30.92
CA LYS B 131 -33.88 30.32 30.43
C LYS B 131 -35.01 29.99 29.45
N TYR B 132 -34.84 28.97 28.62
CA TYR B 132 -35.73 28.76 27.45
C TYR B 132 -36.32 27.36 27.31
N ASP B 133 -35.84 26.39 28.09
CA ASP B 133 -36.28 25.00 27.95
C ASP B 133 -36.00 24.46 26.53
N GLY B 134 -36.65 23.35 26.18
CA GLY B 134 -36.45 22.72 24.88
C GLY B 134 -35.22 21.83 24.85
N LEU B 135 -34.89 21.30 23.69
CA LEU B 135 -33.78 20.36 23.56
C LEU B 135 -32.61 21.08 22.92
N PHE B 136 -31.41 20.88 23.46
CA PHE B 136 -30.23 21.58 22.96
C PHE B 136 -29.24 20.66 22.28
N THR B 137 -28.75 21.11 21.13
CA THR B 137 -27.63 20.50 20.44
C THR B 137 -26.49 21.48 20.46
N PHE B 138 -25.30 20.97 20.15
CA PHE B 138 -24.09 21.76 20.03
C PHE B 138 -23.59 21.77 18.59
N GLY B 139 -23.55 22.97 18.03
CA GLY B 139 -23.07 23.18 16.66
C GLY B 139 -21.63 23.63 16.70
N ILE B 140 -20.77 22.93 15.98
CA ILE B 140 -19.38 23.28 15.88
C ILE B 140 -19.23 24.26 14.73
N VAL B 141 -18.46 25.32 14.94
CA VAL B 141 -18.18 26.32 13.89
C VAL B 141 -17.25 25.66 12.89
N PRO B 142 -17.73 25.46 11.65
CA PRO B 142 -16.93 24.80 10.63
C PRO B 142 -15.67 25.58 10.29
N THR B 143 -14.56 24.88 10.20
CA THR B 143 -13.27 25.47 9.87
C THR B 143 -12.81 25.03 8.48
N ARG B 144 -13.56 24.11 7.86
CA ARG B 144 -13.28 23.68 6.48
C ARG B 144 -14.57 23.21 5.82
N PRO B 145 -14.60 23.16 4.47
CA PRO B 145 -15.80 22.69 3.79
C PRO B 145 -15.93 21.16 3.86
N GLU B 146 -16.23 20.67 5.07
CA GLU B 146 -16.22 19.23 5.36
C GLU B 146 -17.50 18.57 4.89
N THR B 147 -17.35 17.53 4.08
CA THR B 147 -18.49 16.76 3.57
C THR B 147 -18.84 15.62 4.52
N GLY B 148 -17.91 15.26 5.39
CA GLY B 148 -18.06 14.11 6.28
C GLY B 148 -19.02 14.26 7.45
N TYR B 149 -19.46 15.48 7.75
CA TYR B 149 -20.34 15.75 8.88
C TYR B 149 -21.71 16.19 8.42
N GLY B 150 -22.71 16.02 9.28
CA GLY B 150 -24.04 16.63 9.08
C GLY B 150 -24.10 18.04 9.69
N TYR B 151 -25.10 18.80 9.27
CA TYR B 151 -25.17 20.25 9.58
C TYR B 151 -26.44 20.72 10.29
N ILE B 152 -26.34 21.85 10.98
CA ILE B 152 -27.48 22.53 11.62
C ILE B 152 -27.63 23.97 11.13
N GLU B 153 -28.80 24.32 10.60
CA GLU B 153 -29.04 25.67 10.12
C GLU B 153 -29.50 26.55 11.28
N ILE B 154 -28.81 27.67 11.46
CA ILE B 154 -29.08 28.60 12.55
C ILE B 154 -30.40 29.25 12.26
N GLY B 155 -31.20 29.47 13.31
CA GLY B 155 -32.49 30.15 13.17
C GLY B 155 -32.48 31.42 13.98
N GLU B 156 -33.63 31.70 14.61
CA GLU B 156 -33.83 32.87 15.44
C GLU B 156 -32.94 32.88 16.68
N GLU B 157 -32.41 34.06 17.02
CA GLU B 157 -31.49 34.24 18.12
C GLU B 157 -32.20 34.57 19.44
N LEU B 158 -31.93 33.77 20.47
CA LEU B 158 -32.49 34.00 21.79
C LEU B 158 -31.52 34.82 22.64
N GLU B 159 -30.24 34.72 22.29
CA GLU B 159 -29.18 35.22 23.10
C GLU B 159 -27.92 35.01 22.25
N GLU B 160 -26.81 35.61 22.63
CA GLU B 160 -25.63 35.49 21.81
C GLU B 160 -25.12 34.07 21.92
N GLY B 161 -25.04 33.38 20.78
CA GLY B 161 -24.52 32.03 20.70
C GLY B 161 -25.53 30.94 20.98
N VAL B 162 -26.78 31.32 21.21
CA VAL B 162 -27.85 30.36 21.43
C VAL B 162 -28.97 30.71 20.47
N HIS B 163 -29.30 29.77 19.59
CA HIS B 163 -30.28 30.02 18.55
C HIS B 163 -31.31 28.91 18.49
N LYS B 164 -32.49 29.23 17.95
CA LYS B 164 -33.44 28.19 17.54
C LYS B 164 -32.82 27.48 16.33
N VAL B 165 -33.13 26.20 16.16
CA VAL B 165 -32.69 25.48 14.98
C VAL B 165 -33.74 25.65 13.87
N ALA B 166 -33.33 26.32 12.79
CA ALA B 166 -34.20 26.48 11.64
C ALA B 166 -34.39 25.16 10.88
N GLN B 167 -33.32 24.36 10.81
CA GLN B 167 -33.32 23.11 10.03
C GLN B 167 -32.05 22.28 10.28
N PHE B 168 -32.17 20.97 10.04
CA PHE B 168 -31.02 20.07 9.98
C PHE B 168 -30.73 19.73 8.51
N ARG B 169 -29.46 19.65 8.16
CA ARG B 169 -29.06 19.25 6.82
C ARG B 169 -27.94 18.23 6.88
N GLU B 170 -28.07 17.19 6.07
CA GLU B 170 -27.08 16.10 6.04
C GLU B 170 -25.91 16.46 5.12
N LYS B 171 -24.96 15.54 5.04
CA LYS B 171 -23.75 15.73 4.23
C LYS B 171 -24.06 16.46 2.92
N PRO B 172 -23.41 17.60 2.71
CA PRO B 172 -23.66 18.43 1.52
C PRO B 172 -22.57 18.25 0.45
N ASP B 173 -22.84 18.74 -0.76
CA ASP B 173 -21.83 18.81 -1.83
C ASP B 173 -20.77 19.85 -1.44
N LEU B 174 -19.55 19.68 -1.94
CA LEU B 174 -18.43 20.56 -1.58
C LEU B 174 -18.72 22.04 -1.87
N GLU B 175 -19.37 22.34 -3.00
CA GLU B 175 -19.83 23.69 -3.31
C GLU B 175 -20.87 24.14 -2.27
N THR B 176 -21.86 23.28 -2.03
CA THR B 176 -22.88 23.53 -1.00
C THR B 176 -22.23 23.68 0.37
N ALA B 177 -21.24 22.83 0.63
CA ALA B 177 -20.47 22.87 1.86
C ALA B 177 -19.69 24.18 1.99
N LYS B 178 -19.08 24.61 0.88
CA LYS B 178 -18.36 25.88 0.84
C LYS B 178 -19.28 27.08 1.05
N LYS B 179 -20.51 26.98 0.58
CA LYS B 179 -21.52 28.04 0.79
C LYS B 179 -21.99 28.06 2.24
N PHE B 180 -22.05 26.88 2.86
CA PHE B 180 -22.44 26.76 4.26
C PHE B 180 -21.43 27.45 5.18
N VAL B 181 -20.15 27.31 4.86
CA VAL B 181 -19.07 27.87 5.70
C VAL B 181 -18.99 29.38 5.49
N GLU B 182 -18.94 29.78 4.23
CA GLU B 182 -18.89 31.18 3.84
C GLU B 182 -20.06 31.99 4.40
N SER B 183 -21.23 31.35 4.52
CA SER B 183 -22.45 32.00 4.99
C SER B 183 -22.36 32.39 6.46
N GLY B 184 -21.86 31.46 7.28
CA GLY B 184 -21.88 31.63 8.72
C GLY B 184 -23.23 31.33 9.35
N ARG B 185 -24.11 30.64 8.60
CA ARG B 185 -25.44 30.29 9.09
C ARG B 185 -25.62 28.80 9.35
N PHE B 186 -24.52 28.04 9.28
CA PHE B 186 -24.58 26.59 9.45
C PHE B 186 -23.49 26.13 10.42
N LEU B 187 -23.78 25.09 11.21
CA LEU B 187 -22.79 24.53 12.14
C LEU B 187 -22.72 23.01 12.01
N TRP B 188 -21.61 22.39 12.43
CA TRP B 188 -21.52 20.92 12.40
C TRP B 188 -22.35 20.35 13.54
N ASN B 189 -23.18 19.36 13.25
CA ASN B 189 -23.85 18.60 14.32
C ASN B 189 -22.83 17.76 15.07
N SER B 190 -22.54 18.14 16.29
CA SER B 190 -21.53 17.42 17.09
C SER B 190 -22.01 16.08 17.59
N GLY B 191 -23.32 15.81 17.50
CA GLY B 191 -23.90 14.64 18.13
C GLY B 191 -24.07 14.73 19.64
N MET B 192 -23.85 15.90 20.22
CA MET B 192 -23.96 16.07 21.66
C MET B 192 -25.25 16.76 21.97
N PHE B 193 -25.83 16.46 23.13
CA PHE B 193 -27.14 17.01 23.50
C PHE B 193 -27.25 17.40 24.96
N LEU B 194 -28.22 18.25 25.23
CA LEU B 194 -28.53 18.67 26.59
C LEU B 194 -30.02 18.92 26.70
N TRP B 195 -30.66 18.33 27.70
CA TRP B 195 -32.09 18.53 27.92
C TRP B 195 -32.49 18.20 29.36
N LYS B 196 -33.61 18.74 29.80
CA LYS B 196 -34.17 18.32 31.06
C LYS B 196 -34.88 17.00 30.84
N ALA B 197 -34.58 16.03 31.72
CA ALA B 197 -35.10 14.67 31.60
C ALA B 197 -36.55 14.63 31.13
N ARG B 198 -37.42 15.30 31.89
CA ARG B 198 -38.86 15.22 31.64
C ARG B 198 -39.23 15.70 30.24
N GLU B 199 -38.60 16.79 29.79
CA GLU B 199 -38.96 17.38 28.49
C GLU B 199 -38.64 16.43 27.32
N PHE B 200 -37.51 15.75 27.39
CA PHE B 200 -37.11 14.79 26.35
C PHE B 200 -38.05 13.59 26.29
N ILE B 201 -38.38 13.05 27.46
CA ILE B 201 -39.28 11.90 27.56
C ILE B 201 -40.61 12.22 26.88
N GLU B 202 -41.17 13.37 27.24
CA GLU B 202 -42.39 13.89 26.64
C GLU B 202 -42.24 14.13 25.12
N GLU B 203 -41.07 14.62 24.69
CA GLU B 203 -40.87 14.96 23.28
C GLU B 203 -40.85 13.71 22.39
N VAL B 204 -40.37 12.60 22.94
CA VAL B 204 -40.34 11.33 22.21
C VAL B 204 -41.75 10.79 22.02
N LYS B 205 -42.60 11.00 23.02
CA LYS B 205 -44.00 10.57 22.98
C LYS B 205 -44.75 11.07 21.75
N VAL B 206 -44.36 12.23 21.22
CA VAL B 206 -44.96 12.76 20.00
C VAL B 206 -44.18 12.37 18.76
N CYS B 207 -42.86 12.46 18.85
CA CYS B 207 -41.99 12.11 17.74
C CYS B 207 -41.90 10.63 17.42
N GLU B 208 -41.77 9.81 18.45
CA GLU B 208 -41.60 8.37 18.26
C GLU B 208 -42.32 7.59 19.34
N PRO B 209 -43.63 7.39 19.20
CA PRO B 209 -44.36 6.68 20.24
C PRO B 209 -43.77 5.30 20.38
N SER B 210 -43.47 4.68 19.24
CA SER B 210 -42.78 3.40 19.27
C SER B 210 -41.88 3.27 20.50
N ILE B 211 -40.99 4.25 20.66
CA ILE B 211 -39.95 4.21 21.68
C ILE B 211 -40.52 4.43 23.07
N TYR B 212 -41.47 5.37 23.18
CA TYR B 212 -41.97 5.79 24.48
C TYR B 212 -42.80 4.70 25.17
N GLU B 213 -43.85 4.21 24.50
CA GLU B 213 -44.76 3.22 25.11
C GLU B 213 -44.03 1.97 25.58
N ASN B 214 -43.12 1.44 24.75
CA ASN B 214 -42.37 0.22 25.10
C ASN B 214 -41.37 0.41 26.25
N LEU B 215 -40.77 1.59 26.36
CA LEU B 215 -39.81 1.86 27.45
C LEU B 215 -40.38 2.70 28.60
N LYS B 216 -41.62 3.17 28.45
CA LYS B 216 -42.29 4.03 29.44
C LYS B 216 -42.00 3.66 30.89
N ASP B 217 -42.35 2.44 31.28
CA ASP B 217 -42.25 2.01 32.67
C ASP B 217 -41.29 0.83 32.84
N VAL B 218 -40.37 0.66 31.90
CA VAL B 218 -39.32 -0.34 32.01
C VAL B 218 -38.19 0.23 32.86
N ASP B 219 -37.77 -0.51 33.89
CA ASP B 219 -36.58 -0.18 34.67
C ASP B 219 -35.35 -0.52 33.81
N PRO B 220 -34.46 0.47 33.57
CA PRO B 220 -33.35 0.29 32.64
C PRO B 220 -32.27 -0.70 33.10
N ARG B 221 -32.15 -0.93 34.40
CA ARG B 221 -31.17 -1.87 34.94
C ARG B 221 -31.65 -3.31 34.87
N ASN B 222 -32.95 -3.53 35.03
CA ASN B 222 -33.54 -4.86 34.89
C ASN B 222 -33.27 -5.39 33.48
N PHE B 223 -32.21 -6.18 33.35
CA PHE B 223 -31.71 -6.62 32.04
C PHE B 223 -32.80 -7.31 31.24
N GLU B 224 -33.52 -8.22 31.89
CA GLU B 224 -34.52 -9.02 31.21
C GLU B 224 -35.70 -8.16 30.76
N GLU B 225 -36.28 -7.40 31.68
CA GLU B 225 -37.39 -6.48 31.39
C GLU B 225 -37.11 -5.63 30.14
N LEU B 226 -35.87 -5.15 30.03
CA LEU B 226 -35.48 -4.27 28.93
C LEU B 226 -35.31 -5.02 27.59
N LYS B 227 -35.22 -6.35 27.63
CA LYS B 227 -35.04 -7.13 26.41
C LYS B 227 -36.31 -7.12 25.56
N LYS B 228 -37.43 -7.45 26.18
CA LYS B 228 -38.73 -7.43 25.51
C LYS B 228 -38.98 -6.07 24.89
N ALA B 229 -38.87 -5.01 25.71
CA ALA B 229 -39.01 -3.65 25.23
C ALA B 229 -38.14 -3.41 23.99
N TYR B 230 -36.88 -3.84 24.06
CA TYR B 230 -35.94 -3.63 22.96
C TYR B 230 -36.30 -4.43 21.71
N GLU B 231 -36.65 -5.70 21.88
CA GLU B 231 -37.21 -6.49 20.80
C GLU B 231 -38.33 -5.71 20.07
N LYS B 232 -39.17 -5.02 20.85
CA LYS B 232 -40.23 -4.17 20.29
C LYS B 232 -39.74 -2.84 19.70
N VAL B 233 -38.55 -2.37 20.11
CA VAL B 233 -38.05 -1.03 19.75
C VAL B 233 -37.19 -1.00 18.47
N PRO B 234 -37.47 -0.04 17.56
CA PRO B 234 -36.72 0.10 16.30
C PRO B 234 -35.29 0.62 16.42
N SER B 235 -34.53 0.50 15.34
CA SER B 235 -33.20 1.07 15.25
C SER B 235 -33.34 2.43 14.56
N ILE B 236 -32.83 3.48 15.20
CA ILE B 236 -33.09 4.86 14.77
C ILE B 236 -32.34 5.86 15.67
N SER B 237 -31.51 6.71 15.07
CA SER B 237 -30.78 7.75 15.81
C SER B 237 -31.75 8.76 16.38
N VAL B 238 -31.42 9.35 17.54
CA VAL B 238 -32.29 10.39 18.13
C VAL B 238 -32.35 11.60 17.21
N ASP B 239 -31.28 11.79 16.44
CA ASP B 239 -31.27 12.82 15.39
C ASP B 239 -32.47 12.64 14.46
N TYR B 240 -32.63 11.42 13.96
CA TYR B 240 -33.77 11.04 13.13
C TYR B 240 -35.03 10.84 13.96
N ALA B 241 -34.88 10.25 15.13
CA ALA B 241 -36.02 9.86 15.96
C ALA B 241 -36.76 11.06 16.57
N VAL B 242 -36.03 11.99 17.17
CA VAL B 242 -36.65 13.15 17.84
C VAL B 242 -36.21 14.51 17.26
N MET B 243 -34.88 14.71 17.15
CA MET B 243 -34.33 16.05 16.86
C MET B 243 -34.80 16.60 15.51
N GLU B 244 -34.90 15.72 14.52
CA GLU B 244 -35.38 16.09 13.18
C GLU B 244 -36.89 16.41 13.15
N LYS B 245 -37.58 16.23 14.27
CA LYS B 245 -39.04 16.40 14.33
C LYS B 245 -39.51 17.52 15.26
N SER B 246 -38.85 17.70 16.39
CA SER B 246 -39.33 18.64 17.41
C SER B 246 -39.28 20.09 16.95
N LYS B 247 -40.21 20.88 17.47
CA LYS B 247 -40.27 22.31 17.17
C LYS B 247 -39.61 23.12 18.27
N LYS B 248 -38.96 22.45 19.22
CA LYS B 248 -38.33 23.11 20.38
C LYS B 248 -36.86 22.72 20.51
N VAL B 249 -36.16 22.79 19.38
CA VAL B 249 -34.75 22.43 19.32
C VAL B 249 -33.90 23.70 19.20
N ARG B 250 -32.95 23.84 20.10
CA ARG B 250 -32.01 24.94 20.06
C ARG B 250 -30.61 24.43 19.76
N VAL B 251 -29.76 25.34 19.30
CA VAL B 251 -28.36 25.06 19.10
C VAL B 251 -27.53 26.11 19.86
N VAL B 252 -26.48 25.62 20.53
CA VAL B 252 -25.48 26.45 21.17
C VAL B 252 -24.22 26.38 20.31
N LYS B 253 -23.66 27.54 19.98
CA LYS B 253 -22.40 27.58 19.21
C LYS B 253 -21.25 27.12 20.08
N ALA B 254 -20.51 26.12 19.58
CA ALA B 254 -19.35 25.58 20.28
C ALA B 254 -18.10 26.07 19.56
N ASP B 255 -17.33 26.90 20.26
CA ASP B 255 -16.07 27.38 19.70
C ASP B 255 -14.94 26.53 20.29
N PHE B 256 -14.85 25.28 19.81
CA PHE B 256 -13.71 24.42 20.16
C PHE B 256 -13.48 23.35 19.12
N GLU B 257 -12.22 22.95 18.98
CA GLU B 257 -11.85 21.85 18.13
C GLU B 257 -12.69 20.63 18.52
N TRP B 258 -13.28 19.99 17.54
CA TRP B 258 -14.06 18.78 17.74
C TRP B 258 -13.89 17.87 16.53
N SER B 259 -13.91 16.57 16.75
CA SER B 259 -13.97 15.62 15.66
C SER B 259 -14.75 14.38 16.08
N ASP B 260 -15.54 13.87 15.16
CA ASP B 260 -16.24 12.60 15.31
C ASP B 260 -15.37 11.37 15.07
N LEU B 261 -14.15 11.54 14.57
CA LEU B 261 -13.25 10.40 14.34
C LEU B 261 -13.93 9.37 13.45
N GLY B 262 -14.48 9.86 12.35
CA GLY B 262 -15.32 9.05 11.48
C GLY B 262 -14.57 7.89 10.88
N ASN B 263 -13.33 8.16 10.48
CA ASN B 263 -12.48 7.20 9.79
C ASN B 263 -11.00 7.62 9.85
N TRP B 264 -10.12 6.81 9.27
CA TRP B 264 -8.68 7.05 9.27
C TRP B 264 -8.29 8.41 8.69
N SER B 265 -9.01 8.85 7.67
CA SER B 265 -8.83 10.21 7.16
C SER B 265 -9.00 11.25 8.27
N SER B 266 -9.93 11.01 9.20
CA SER B 266 -10.19 11.92 10.30
C SER B 266 -8.95 12.01 11.18
N VAL B 267 -8.28 10.88 11.38
CA VAL B 267 -7.06 10.88 12.19
C VAL B 267 -5.98 11.69 11.46
N ARG B 268 -5.83 11.49 10.18
CA ARG B 268 -4.92 12.32 9.38
C ARG B 268 -5.17 13.82 9.57
N GLU B 269 -6.44 14.25 9.50
CA GLU B 269 -6.80 15.68 9.73
C GLU B 269 -6.21 16.21 11.03
N ILE B 270 -6.25 15.40 12.08
CA ILE B 270 -5.75 15.79 13.39
C ILE B 270 -4.23 15.77 13.42
N GLU B 271 -3.66 14.70 12.90
CA GLU B 271 -2.23 14.47 12.96
C GLU B 271 -1.40 15.10 11.85
N GLY B 272 -1.99 15.24 10.67
CA GLY B 272 -1.24 15.66 9.49
C GLY B 272 -0.63 14.46 8.77
N TYR B 273 -0.14 14.72 7.55
CA TYR B 273 0.45 13.70 6.72
C TYR B 273 1.77 13.22 7.31
N THR B 274 2.21 12.04 6.90
CA THR B 274 3.36 11.41 7.54
C THR B 274 4.67 11.86 6.91
N GLU B 275 5.67 11.97 7.77
CA GLU B 275 6.99 12.44 7.42
C GLU B 275 7.81 11.28 6.90
N GLU B 276 8.44 11.48 5.75
CA GLU B 276 9.50 10.59 5.32
C GLU B 276 10.43 10.37 6.51
N SER B 277 10.82 9.11 6.72
CA SER B 277 11.71 8.77 7.82
C SER B 277 12.35 7.42 7.56
N ASP B 278 13.05 6.90 8.56
CA ASP B 278 13.76 5.62 8.42
C ASP B 278 12.83 4.40 8.28
N GLU B 279 11.57 4.53 8.70
CA GLU B 279 10.55 3.47 8.53
C GLU B 279 9.47 3.83 7.49
N VAL B 280 9.53 5.05 6.95
CA VAL B 280 8.60 5.47 5.92
C VAL B 280 9.40 6.06 4.76
N ILE B 281 9.48 5.33 3.65
CA ILE B 281 10.21 5.78 2.47
C ILE B 281 9.24 6.20 1.36
N LEU B 282 9.36 7.43 0.89
CA LEU B 282 8.42 7.98 -0.07
C LEU B 282 9.16 8.37 -1.33
N VAL B 283 8.72 7.82 -2.46
CA VAL B 283 9.27 8.14 -3.78
C VAL B 283 8.13 8.51 -4.73
N ASP B 284 8.12 9.76 -5.17
CA ASP B 284 7.07 10.32 -6.02
C ASP B 284 5.69 10.04 -5.40
N SER B 285 5.59 10.29 -4.10
CA SER B 285 4.38 10.06 -3.32
C SER B 285 4.18 11.24 -2.36
N ASP B 286 3.09 11.97 -2.50
CA ASP B 286 2.78 13.06 -1.57
C ASP B 286 1.45 12.80 -0.85
N ARG B 287 1.28 13.48 0.29
CA ARG B 287 0.06 13.46 1.07
C ARG B 287 -0.34 12.03 1.44
N VAL B 288 0.56 11.34 2.15
CA VAL B 288 0.35 9.97 2.54
C VAL B 288 0.28 9.86 4.04
N PHE B 289 -0.59 8.99 4.52
CA PHE B 289 -0.75 8.79 5.94
C PHE B 289 -0.35 7.36 6.23
N VAL B 290 0.75 7.19 6.93
CA VAL B 290 1.32 5.86 7.12
C VAL B 290 1.61 5.63 8.59
N LYS B 291 1.03 4.56 9.14
CA LYS B 291 1.34 4.11 10.47
C LYS B 291 2.09 2.79 10.33
N THR B 292 3.35 2.82 10.73
CA THR B 292 4.23 1.68 10.61
C THR B 292 4.09 0.84 11.87
N HIS B 293 4.53 -0.42 11.77
CA HIS B 293 4.52 -1.34 12.90
C HIS B 293 5.96 -1.72 13.25
N ASN B 294 6.52 -2.75 12.62
CA ASN B 294 7.89 -3.15 12.96
C ASN B 294 8.80 -3.22 11.75
N LYS B 295 8.34 -2.72 10.61
CA LYS B 295 9.19 -2.72 9.43
C LYS B 295 8.99 -1.48 8.58
N PRO B 296 10.00 -1.14 7.76
CA PRO B 296 9.86 -0.01 6.90
C PRO B 296 8.75 -0.23 5.86
N ILE B 297 8.10 0.87 5.50
CA ILE B 297 7.07 0.87 4.48
C ILE B 297 7.47 1.93 3.45
N ALA B 298 7.51 1.51 2.20
CA ALA B 298 7.89 2.40 1.13
C ALA B 298 6.67 2.58 0.27
N VAL B 299 6.29 3.83 0.00
CA VAL B 299 5.18 4.14 -0.91
C VAL B 299 5.76 4.82 -2.17
N VAL B 300 5.48 4.25 -3.34
CA VAL B 300 6.07 4.70 -4.59
C VAL B 300 5.00 4.96 -5.64
N GLY B 301 4.98 6.16 -6.19
CA GLY B 301 4.04 6.52 -7.26
C GLY B 301 2.60 6.77 -6.83
N LEU B 302 2.37 7.00 -5.54
CA LEU B 302 1.01 7.11 -4.97
C LEU B 302 0.86 8.28 -4.04
N SER B 303 -0.20 9.05 -4.25
CA SER B 303 -0.49 10.18 -3.40
C SER B 303 -1.85 10.05 -2.75
N ASP B 304 -2.07 10.76 -1.65
CA ASP B 304 -3.36 10.75 -0.97
C ASP B 304 -3.79 9.31 -0.63
N VAL B 305 -2.92 8.55 0.03
CA VAL B 305 -3.21 7.17 0.42
C VAL B 305 -2.95 6.98 1.88
N ILE B 306 -3.73 6.11 2.50
CA ILE B 306 -3.59 5.78 3.89
C ILE B 306 -3.00 4.40 3.93
N VAL B 307 -1.97 4.18 4.75
CA VAL B 307 -1.43 2.84 4.95
C VAL B 307 -1.27 2.55 6.44
N ILE B 308 -1.96 1.51 6.93
CA ILE B 308 -1.89 1.14 8.34
C ILE B 308 -1.42 -0.30 8.46
N ASP B 309 -0.32 -0.49 9.18
CA ASP B 309 0.24 -1.80 9.40
C ASP B 309 0.13 -2.17 10.88
N THR B 310 -0.69 -3.17 11.20
CA THR B 310 -0.76 -3.75 12.56
C THR B 310 -0.63 -5.26 12.47
N PRO B 311 -0.54 -5.95 13.63
CA PRO B 311 -0.49 -7.41 13.61
C PRO B 311 -1.72 -8.06 12.96
N ASN B 312 -2.88 -7.43 13.07
CA ASN B 312 -4.09 -7.96 12.45
C ASN B 312 -4.09 -7.85 10.93
N GLY B 313 -3.24 -7.00 10.36
CA GLY B 313 -3.17 -6.86 8.91
C GLY B 313 -2.67 -5.51 8.45
N ILE B 314 -2.74 -5.33 7.13
CA ILE B 314 -2.28 -4.14 6.49
C ILE B 314 -3.43 -3.57 5.68
N LEU B 315 -3.66 -2.27 5.83
CA LEU B 315 -4.66 -1.58 5.02
C LEU B 315 -3.97 -0.63 4.06
N ILE B 316 -4.47 -0.55 2.84
CA ILE B 316 -3.98 0.40 1.86
C ILE B 316 -5.21 0.99 1.23
N CYS B 317 -5.45 2.27 1.48
CA CYS B 317 -6.72 2.87 1.15
C CYS B 317 -6.52 4.22 0.49
N LYS B 318 -7.04 4.40 -0.72
CA LYS B 318 -7.16 5.75 -1.26
C LYS B 318 -8.00 6.60 -0.27
N GLU B 319 -7.62 7.85 -0.07
CA GLU B 319 -8.18 8.65 1.03
C GLU B 319 -9.72 8.80 0.98
N GLU B 320 -10.26 9.16 -0.18
CA GLU B 320 -11.70 9.38 -0.31
C GLU B 320 -12.56 8.13 -0.05
N TYR B 321 -11.93 6.94 -0.12
CA TYR B 321 -12.61 5.65 0.11
C TYR B 321 -12.45 5.20 1.57
N ALA B 322 -12.00 6.08 2.46
CA ALA B 322 -11.80 5.71 3.86
C ALA B 322 -13.07 5.24 4.58
N GLN B 323 -14.25 5.62 4.07
CA GLN B 323 -15.52 5.09 4.61
C GLN B 323 -15.74 3.62 4.25
N LYS B 324 -15.16 3.18 3.13
CA LYS B 324 -15.34 1.81 2.65
C LYS B 324 -14.44 0.78 3.33
N VAL B 325 -13.63 1.18 4.30
CA VAL B 325 -12.89 0.20 5.12
C VAL B 325 -13.85 -0.75 5.84
N ARG B 326 -15.06 -0.27 6.13
CA ARG B 326 -16.15 -1.09 6.65
C ARG B 326 -16.33 -2.37 5.83
N GLU B 327 -16.38 -2.24 4.51
CA GLU B 327 -16.46 -3.40 3.61
C GLU B 327 -15.36 -4.44 3.84
N VAL B 328 -14.15 -4.00 4.18
CA VAL B 328 -13.05 -4.93 4.50
C VAL B 328 -13.44 -5.82 5.66
N VAL B 329 -13.96 -5.21 6.72
CA VAL B 329 -14.46 -5.96 7.89
C VAL B 329 -15.62 -6.88 7.51
N LYS B 330 -16.50 -6.43 6.61
CA LYS B 330 -17.61 -7.26 6.14
C LYS B 330 -17.12 -8.51 5.40
N LYS B 331 -16.18 -8.30 4.47
CA LYS B 331 -15.61 -9.38 3.68
C LYS B 331 -14.71 -10.28 4.52
N LEU B 332 -13.94 -9.69 5.43
CA LEU B 332 -12.91 -10.43 6.17
C LEU B 332 -13.51 -11.35 7.22
N PHE B 333 -14.49 -10.85 7.97
CA PHE B 333 -15.15 -11.62 9.03
C PHE B 333 -16.59 -11.98 8.63
#